data_2EWP
#
_entry.id   2EWP
#
_cell.length_a   106.876
_cell.length_b   75.776
_cell.length_c   185.092
_cell.angle_alpha   90.00
_cell.angle_beta   104.84
_cell.angle_gamma   90.00
#
_symmetry.space_group_name_H-M   'C 1 2 1'
#
loop_
_entity.id
_entity.type
_entity.pdbx_description
1 polymer 'Estrogen-related receptor gamma'
2 non-polymer (Z)-4-(1-{4-[2-(DIMETHYLAMINO)ETHOXY]PHENYL}-5-HYDROXY-2-PHENYLPENT-1-ENYL)PHENOL
3 water water
#
_entity_poly.entity_id   1
_entity_poly.type   'polypeptide(L)'
_entity_poly.pdbx_seq_one_letter_code
;PYNKIVSHLLVAEPEKIYAMPDPTVPDSDIKALTTLCDLADRELVVIIGWAKHIPGFSTLSLADQMSLLQSAWMEILILG
VVYRSLSFEDELVYADDYIMDEDQSKLAGLLDLNNAILQLVKKYKSMKLEKEEFVTLKAIALANSDSMHIEDVEAVQKLQ
DVLHEALQDYEAGQHMEDPRRAGKMLMTLPLLRQTSTKAVQHFYNIKLEGKVPMHKLFLEMLEAKV
;
_entity_poly.pdbx_strand_id   A,B,C,D,E
#
# COMPACT_ATOMS: atom_id res chain seq x y z
N PRO A 1 -13.83 30.68 32.91
CA PRO A 1 -12.38 30.54 32.68
C PRO A 1 -11.85 29.22 33.21
N TYR A 2 -11.00 28.55 32.43
CA TYR A 2 -10.54 27.22 32.77
C TYR A 2 -9.67 27.24 34.02
N ASN A 3 -9.67 26.10 34.73
CA ASN A 3 -8.77 25.93 35.84
C ASN A 3 -7.34 25.91 35.28
N LYS A 4 -6.40 26.27 36.14
CA LYS A 4 -5.03 26.54 35.71
C LYS A 4 -4.34 25.30 35.16
N ILE A 5 -4.74 24.13 35.63
CA ILE A 5 -4.11 22.90 35.17
C ILE A 5 -4.43 22.58 33.73
N VAL A 6 -5.72 22.64 33.39
CA VAL A 6 -6.17 22.41 32.03
C VAL A 6 -5.54 23.43 31.07
N SER A 7 -5.56 24.71 31.44
CA SER A 7 -5.04 25.75 30.55
C SER A 7 -3.52 25.64 30.37
N HIS A 8 -2.84 25.21 31.43
CA HIS A 8 -1.40 24.94 31.40
C HIS A 8 -1.09 23.77 30.46
N LEU A 9 -1.93 22.72 30.51
CA LEU A 9 -1.73 21.55 29.66
C LEU A 9 -1.94 21.92 28.20
N LEU A 10 -2.89 22.81 27.94
CA LEU A 10 -3.09 23.34 26.59
C LEU A 10 -1.88 24.10 26.06
N VAL A 11 -1.29 25.00 26.85
CA VAL A 11 -0.06 25.66 26.42
C VAL A 11 1.13 24.68 26.30
N ALA A 12 1.17 23.65 27.14
CA ALA A 12 2.24 22.65 27.08
C ALA A 12 2.12 21.65 25.91
N GLU A 13 0.92 21.54 25.33
CA GLU A 13 0.65 20.64 24.20
C GLU A 13 1.62 20.84 23.02
N PRO A 14 2.39 19.80 22.68
CA PRO A 14 3.37 19.97 21.62
C PRO A 14 2.77 20.28 20.26
N GLU A 15 3.61 20.88 19.41
CA GLU A 15 3.24 21.23 18.06
C GLU A 15 3.08 19.97 17.22
N LYS A 16 2.45 20.10 16.06
CA LYS A 16 2.29 18.99 15.14
C LYS A 16 3.64 18.43 14.76
N ILE A 17 3.68 17.09 14.69
CA ILE A 17 4.87 16.34 14.28
C ILE A 17 4.50 15.49 13.05
N TYR A 18 5.47 15.37 12.14
CA TYR A 18 5.28 14.66 10.89
C TYR A 18 6.09 13.37 10.80
N ALA A 19 5.55 12.41 10.07
CA ALA A 19 6.14 11.07 9.94
C ALA A 19 7.18 11.07 8.84
N MET A 20 6.89 11.86 7.79
CA MET A 20 7.79 12.06 6.67
C MET A 20 8.37 10.78 6.08
N PRO A 21 7.50 9.89 5.58
CA PRO A 21 7.99 8.70 4.89
C PRO A 21 8.86 9.03 3.67
N ASP A 22 9.79 8.13 3.37
CA ASP A 22 10.72 8.32 2.28
C ASP A 22 9.97 8.01 0.98
N PRO A 23 9.79 9.01 0.10
CA PRO A 23 8.98 8.85 -1.12
C PRO A 23 9.62 7.96 -2.15
N THR A 24 10.93 7.77 -2.03
CA THR A 24 11.71 6.94 -2.93
C THR A 24 11.62 5.45 -2.60
N VAL A 25 11.04 5.12 -1.45
CA VAL A 25 10.93 3.75 -1.00
C VAL A 25 9.54 3.22 -1.36
N PRO A 26 9.48 2.05 -2.06
CA PRO A 26 8.18 1.43 -2.34
C PRO A 26 7.44 1.00 -1.08
N ASP A 27 6.15 1.27 -1.02
CA ASP A 27 5.36 0.93 0.15
C ASP A 27 5.46 -0.57 0.45
N SER A 28 5.77 -0.87 1.71
CA SER A 28 5.92 -2.23 2.20
C SER A 28 5.66 -2.19 3.69
N ASP A 29 5.72 -3.36 4.33
CA ASP A 29 5.61 -3.46 5.80
C ASP A 29 6.80 -2.79 6.47
N ILE A 30 7.98 -2.97 5.88
CA ILE A 30 9.21 -2.39 6.41
C ILE A 30 9.19 -0.87 6.30
N LYS A 31 8.70 -0.35 5.18
CA LYS A 31 8.55 1.08 5.02
C LYS A 31 7.65 1.66 6.10
N ALA A 32 6.53 1.00 6.37
CA ALA A 32 5.57 1.49 7.37
C ALA A 32 6.15 1.51 8.79
N LEU A 33 6.81 0.42 9.16
CA LEU A 33 7.46 0.28 10.48
C LEU A 33 8.63 1.25 10.65
N THR A 34 9.40 1.44 9.58
CA THR A 34 10.47 2.43 9.60
C THR A 34 9.90 3.83 9.88
N THR A 35 8.88 4.21 9.11
CA THR A 35 8.23 5.51 9.24
C THR A 35 7.65 5.72 10.64
N LEU A 36 6.96 4.70 11.15
CA LEU A 36 6.42 4.77 12.52
C LEU A 36 7.52 4.92 13.58
N CYS A 37 8.63 4.20 13.43
CA CYS A 37 9.77 4.35 14.35
C CYS A 37 10.31 5.78 14.32
N ASP A 38 10.51 6.30 13.11
CA ASP A 38 10.99 7.68 12.92
C ASP A 38 10.08 8.69 13.57
N LEU A 39 8.78 8.49 13.39
CA LEU A 39 7.75 9.34 13.98
C LEU A 39 7.78 9.27 15.52
N ALA A 40 7.76 8.05 16.04
CA ALA A 40 7.68 7.81 17.48
C ALA A 40 8.87 8.43 18.22
N ASP A 41 10.07 8.26 17.68
CA ASP A 41 11.29 8.87 18.24
C ASP A 41 11.20 10.41 18.35
N ARG A 42 10.69 11.05 17.30
CA ARG A 42 10.44 12.49 17.29
C ARG A 42 9.37 12.87 18.33
N GLU A 43 8.32 12.08 18.41
CA GLU A 43 7.28 12.29 19.39
C GLU A 43 7.76 12.11 20.84
N LEU A 44 8.55 11.07 21.08
CA LEU A 44 8.99 10.78 22.44
C LEU A 44 9.82 11.92 23.02
N VAL A 45 10.61 12.57 22.18
CA VAL A 45 11.37 13.74 22.56
C VAL A 45 10.45 14.82 23.14
N VAL A 46 9.35 15.13 22.46
CA VAL A 46 8.44 16.19 22.90
C VAL A 46 7.50 15.75 24.02
N ILE A 47 7.26 14.44 24.12
CA ILE A 47 6.47 13.89 25.19
C ILE A 47 7.21 14.01 26.51
N ILE A 48 8.49 13.71 26.52
CA ILE A 48 9.32 13.93 27.70
C ILE A 48 9.38 15.40 28.12
N GLY A 49 9.53 16.32 27.16
CA GLY A 49 9.43 17.74 27.44
C GLY A 49 8.06 18.08 28.02
N TRP A 50 7.02 17.50 27.44
CA TRP A 50 5.64 17.76 27.87
C TRP A 50 5.39 17.30 29.31
N ALA A 51 5.84 16.09 29.64
CA ALA A 51 5.70 15.54 31.00
C ALA A 51 6.30 16.48 32.05
N LYS A 52 7.42 17.12 31.71
CA LYS A 52 8.13 18.03 32.63
C LYS A 52 7.40 19.35 32.82
N HIS A 53 6.33 19.57 32.05
CA HIS A 53 5.43 20.68 32.27
C HIS A 53 4.13 20.25 32.98
N ILE A 54 3.99 18.98 33.32
CA ILE A 54 2.88 18.54 34.13
C ILE A 54 3.21 18.89 35.57
N PRO A 55 2.42 19.79 36.19
CA PRO A 55 2.77 20.24 37.55
C PRO A 55 2.91 19.12 38.57
N GLY A 56 4.07 19.07 39.22
CA GLY A 56 4.39 17.99 40.14
C GLY A 56 5.41 17.03 39.57
N PHE A 57 5.35 16.82 38.26
CA PHE A 57 6.18 15.79 37.64
C PHE A 57 7.68 16.06 37.74
N SER A 58 8.12 17.28 37.47
CA SER A 58 9.52 17.60 37.47
C SER A 58 10.14 17.62 38.87
N THR A 59 9.29 17.65 39.91
CA THR A 59 9.77 17.65 41.30
C THR A 59 9.74 16.26 41.94
N LEU A 60 9.31 15.25 41.18
CA LEU A 60 9.48 13.85 41.57
C LEU A 60 10.92 13.44 41.31
N SER A 61 11.35 12.35 41.94
CA SER A 61 12.67 11.77 41.69
C SER A 61 12.82 11.32 40.23
N LEU A 62 14.07 11.30 39.76
CA LEU A 62 14.39 10.78 38.44
C LEU A 62 13.81 9.37 38.27
N ALA A 63 13.99 8.55 39.31
CA ALA A 63 13.43 7.21 39.35
C ALA A 63 11.92 7.19 39.09
N ASP A 64 11.17 8.06 39.77
CA ASP A 64 9.70 8.11 39.61
C ASP A 64 9.25 8.68 38.26
N GLN A 65 9.94 9.71 37.78
CA GLN A 65 9.69 10.24 36.43
C GLN A 65 9.84 9.12 35.40
N MET A 66 10.91 8.33 35.56
CA MET A 66 11.26 7.23 34.67
C MET A 66 10.24 6.09 34.70
N SER A 67 9.85 5.68 35.90
CA SER A 67 8.81 4.70 36.08
C SER A 67 7.47 5.08 35.42
N LEU A 68 7.05 6.33 35.59
CA LEU A 68 5.79 6.78 35.00
C LEU A 68 5.85 6.74 33.47
N LEU A 69 6.98 7.21 32.92
CA LEU A 69 7.19 7.24 31.47
C LEU A 69 7.35 5.84 30.88
N GLN A 70 8.06 4.98 31.60
CA GLN A 70 8.25 3.59 31.19
C GLN A 70 6.91 2.90 31.06
N SER A 71 5.97 3.23 31.94
CA SER A 71 4.69 2.55 32.01
C SER A 71 3.64 3.15 31.07
N ALA A 72 3.80 4.40 30.67
CA ALA A 72 2.73 5.16 30.01
C ALA A 72 3.04 5.65 28.60
N TRP A 73 4.29 5.48 28.14
CA TRP A 73 4.72 6.13 26.89
C TRP A 73 3.85 5.75 25.68
N MET A 74 3.54 4.46 25.54
CA MET A 74 2.71 3.96 24.44
C MET A 74 1.27 4.41 24.56
N GLU A 75 0.71 4.47 25.77
CA GLU A 75 -0.62 5.09 25.97
C GLU A 75 -0.71 6.54 25.48
N ILE A 76 0.33 7.31 25.73
CA ILE A 76 0.37 8.71 25.32
C ILE A 76 0.47 8.80 23.81
N LEU A 77 1.31 7.97 23.21
CA LEU A 77 1.43 7.92 21.75
C LEU A 77 0.09 7.58 21.10
N ILE A 78 -0.49 6.48 21.56
CA ILE A 78 -1.75 6.00 21.00
C ILE A 78 -2.89 6.99 21.23
N LEU A 79 -2.98 7.59 22.42
CA LEU A 79 -4.06 8.53 22.68
C LEU A 79 -4.01 9.74 21.76
N GLY A 80 -2.80 10.20 21.43
CA GLY A 80 -2.63 11.26 20.45
C GLY A 80 -3.15 10.87 19.07
N VAL A 81 -2.79 9.67 18.63
CA VAL A 81 -3.25 9.12 17.35
C VAL A 81 -4.78 9.05 17.32
N VAL A 82 -5.36 8.61 18.42
CA VAL A 82 -6.81 8.53 18.57
C VAL A 82 -7.45 9.89 18.42
N TYR A 83 -6.94 10.89 19.15
CA TYR A 83 -7.51 12.25 19.09
C TYR A 83 -7.42 12.80 17.68
N ARG A 84 -6.28 12.57 17.04
CA ARG A 84 -6.04 13.05 15.67
C ARG A 84 -6.98 12.46 14.62
N SER A 85 -7.47 11.25 14.90
CA SER A 85 -8.31 10.50 13.97
C SER A 85 -9.82 10.72 14.13
N LEU A 86 -10.23 11.58 15.06
CA LEU A 86 -11.66 11.72 15.43
C LEU A 86 -12.58 12.21 14.32
N SER A 87 -12.08 13.10 13.47
CA SER A 87 -12.89 13.61 12.35
C SER A 87 -12.76 12.73 11.09
N PHE A 88 -12.14 11.57 11.22
CA PHE A 88 -11.96 10.64 10.12
C PHE A 88 -12.81 9.39 10.32
N GLU A 89 -12.87 8.56 9.28
CA GLU A 89 -13.70 7.36 9.28
C GLU A 89 -12.85 6.15 8.91
N ASP A 90 -12.65 5.25 9.88
CA ASP A 90 -11.89 4.00 9.71
C ASP A 90 -10.43 4.23 9.32
N GLU A 91 -9.86 5.35 9.76
CA GLU A 91 -8.52 5.76 9.39
C GLU A 91 -7.80 6.25 10.63
N LEU A 92 -6.52 5.92 10.75
CA LEU A 92 -5.68 6.39 11.85
C LEU A 92 -4.66 7.43 11.38
N VAL A 93 -4.79 8.62 11.95
CA VAL A 93 -3.96 9.78 11.63
C VAL A 93 -2.78 9.77 12.60
N TYR A 94 -1.70 9.10 12.18
CA TYR A 94 -0.46 9.11 12.91
C TYR A 94 0.17 10.48 12.85
N ALA A 95 -0.02 11.13 11.72
CA ALA A 95 0.37 12.51 11.49
C ALA A 95 -0.49 13.04 10.33
N ASP A 96 -0.46 14.36 10.13
CA ASP A 96 -1.12 14.98 9.00
C ASP A 96 -0.65 14.43 7.66
N ASP A 97 0.57 13.90 7.63
CA ASP A 97 1.14 13.34 6.40
C ASP A 97 1.24 11.82 6.45
N TYR A 98 0.53 11.18 7.37
CA TYR A 98 0.61 9.73 7.51
C TYR A 98 -0.67 9.15 8.12
N ILE A 99 -1.55 8.72 7.22
CA ILE A 99 -2.90 8.29 7.57
C ILE A 99 -3.07 6.87 7.04
N MET A 100 -3.36 5.95 7.96
CA MET A 100 -3.35 4.53 7.66
C MET A 100 -4.78 3.97 7.65
N ASP A 101 -5.19 3.44 6.51
CA ASP A 101 -6.48 2.76 6.37
C ASP A 101 -6.33 1.26 6.64
N GLU A 102 -7.43 0.53 6.51
CA GLU A 102 -7.50 -0.88 6.89
C GLU A 102 -6.44 -1.69 6.18
N ASP A 103 -6.40 -1.52 4.86
CA ASP A 103 -5.48 -2.23 3.99
C ASP A 103 -4.01 -1.96 4.36
N GLN A 104 -3.71 -0.70 4.63
CA GLN A 104 -2.37 -0.29 5.02
C GLN A 104 -2.01 -0.84 6.40
N SER A 105 -2.97 -0.92 7.29
CA SER A 105 -2.78 -1.59 8.59
C SER A 105 -2.46 -3.07 8.43
N LYS A 106 -3.19 -3.77 7.57
CA LYS A 106 -2.92 -5.17 7.32
C LYS A 106 -1.50 -5.37 6.81
N LEU A 107 -1.09 -4.55 5.85
N LEU A 107 -1.09 -4.56 5.83
CA LEU A 107 0.24 -4.65 5.24
CA LEU A 107 0.26 -4.64 5.24
C LEU A 107 1.35 -4.47 6.28
C LEU A 107 1.35 -4.50 6.30
N ALA A 108 1.16 -3.54 7.21
CA ALA A 108 2.10 -3.29 8.29
C ALA A 108 2.01 -4.33 9.42
N GLY A 109 0.97 -5.16 9.42
CA GLY A 109 0.81 -6.20 10.44
C GLY A 109 0.24 -5.63 11.71
N LEU A 110 -0.60 -4.59 11.55
CA LEU A 110 -1.15 -3.83 12.67
C LEU A 110 -2.68 -3.86 12.74
N LEU A 111 -3.31 -4.75 11.98
CA LEU A 111 -4.76 -4.73 11.84
C LEU A 111 -5.50 -4.92 13.15
N ASP A 112 -5.25 -6.00 13.88
CA ASP A 112 -5.96 -6.22 15.16
C ASP A 112 -5.72 -5.09 16.15
N LEU A 113 -4.49 -4.59 16.18
CA LEU A 113 -4.12 -3.53 17.08
C LEU A 113 -4.86 -2.22 16.76
N ASN A 114 -4.88 -1.88 15.49
CA ASN A 114 -5.51 -0.64 15.04
C ASN A 114 -7.03 -0.74 15.01
N ASN A 115 -7.56 -1.95 14.86
CA ASN A 115 -8.98 -2.18 15.07
C ASN A 115 -9.39 -1.77 16.49
N ALA A 116 -8.59 -2.16 17.48
CA ALA A 116 -8.89 -1.82 18.88
C ALA A 116 -8.74 -0.34 19.13
N ILE A 117 -7.80 0.29 18.45
CA ILE A 117 -7.58 1.73 18.52
C ILE A 117 -8.73 2.48 17.83
N LEU A 118 -9.24 1.94 16.73
CA LEU A 118 -10.47 2.45 16.12
C LEU A 118 -11.71 2.33 17.03
N GLN A 119 -11.76 1.31 17.90
CA GLN A 119 -12.78 1.26 18.98
C GLN A 119 -12.74 2.49 19.89
N LEU A 120 -11.54 2.85 20.32
CA LEU A 120 -11.35 4.05 21.13
C LEU A 120 -11.85 5.29 20.42
N VAL A 121 -11.42 5.43 19.15
CA VAL A 121 -11.87 6.52 18.30
C VAL A 121 -13.39 6.60 18.23
N LYS A 122 -14.03 5.46 17.97
CA LYS A 122 -15.49 5.35 17.93
C LYS A 122 -16.17 5.85 19.21
N LYS A 123 -15.64 5.44 20.34
N LYS A 123 -15.66 5.42 20.36
CA LYS A 123 -16.22 5.78 21.64
CA LYS A 123 -16.23 5.81 21.65
C LYS A 123 -16.07 7.29 21.93
C LYS A 123 -16.09 7.31 21.91
N TYR A 124 -14.89 7.85 21.66
CA TYR A 124 -14.66 9.30 21.80
C TYR A 124 -15.46 10.15 20.79
N LYS A 125 -15.68 9.66 19.57
CA LYS A 125 -16.56 10.34 18.62
C LYS A 125 -17.97 10.54 19.19
N SER A 126 -18.55 9.51 19.78
CA SER A 126 -19.92 9.62 20.31
C SER A 126 -20.01 10.49 21.57
N MET A 127 -18.92 10.54 22.34
CA MET A 127 -18.84 11.44 23.50
C MET A 127 -18.47 12.85 23.08
N LYS A 128 -17.98 13.01 21.86
CA LYS A 128 -17.55 14.31 21.34
C LYS A 128 -16.43 14.89 22.22
N LEU A 129 -15.38 14.07 22.36
CA LEU A 129 -14.18 14.44 23.11
C LEU A 129 -13.55 15.74 22.62
N GLU A 130 -13.32 16.65 23.56
CA GLU A 130 -12.76 17.96 23.28
C GLU A 130 -11.26 17.93 23.50
N LYS A 131 -10.55 18.93 23.02
CA LYS A 131 -9.09 18.98 23.18
C LYS A 131 -8.66 19.10 24.65
N GLU A 132 -9.47 19.82 25.42
CA GLU A 132 -9.24 20.01 26.86
C GLU A 132 -9.33 18.71 27.63
N GLU A 133 -10.29 17.88 27.24
CA GLU A 133 -10.48 16.56 27.85
C GLU A 133 -9.33 15.63 27.49
N PHE A 134 -8.97 15.64 26.20
CA PHE A 134 -7.80 14.92 25.67
C PHE A 134 -6.46 15.19 26.40
N VAL A 135 -6.07 16.44 26.56
CA VAL A 135 -4.76 16.75 27.19
C VAL A 135 -4.74 16.27 28.65
N THR A 136 -5.90 16.41 29.31
CA THR A 136 -6.06 16.06 30.71
C THR A 136 -6.05 14.54 30.90
N LEU A 137 -6.72 13.83 30.00
CA LEU A 137 -6.71 12.37 29.99
C LEU A 137 -5.31 11.82 29.76
N LYS A 138 -4.58 12.46 28.84
CA LYS A 138 -3.17 12.13 28.57
C LYS A 138 -2.32 12.24 29.80
N ALA A 139 -2.44 13.36 30.52
CA ALA A 139 -1.78 13.55 31.81
C ALA A 139 -2.19 12.50 32.85
N ILE A 140 -3.48 12.24 32.96
CA ILE A 140 -3.97 11.23 33.89
C ILE A 140 -3.46 9.84 33.51
N ALA A 141 -3.37 9.56 32.22
CA ALA A 141 -2.86 8.26 31.78
C ALA A 141 -1.41 8.06 32.25
N LEU A 142 -0.60 9.10 32.14
CA LEU A 142 0.77 9.09 32.65
C LEU A 142 0.83 8.84 34.15
N ALA A 143 0.10 9.64 34.93
CA ALA A 143 0.06 9.55 36.39
C ALA A 143 -0.59 8.27 36.94
N ASN A 144 -1.65 7.79 36.27
CA ASN A 144 -2.39 6.58 36.68
C ASN A 144 -1.84 5.33 35.97
N SER A 145 -0.56 5.33 35.64
CA SER A 145 0.05 4.33 34.76
C SER A 145 0.39 2.99 35.43
N ASP A 146 0.24 2.92 36.75
CA ASP A 146 0.36 1.68 37.53
C ASP A 146 1.73 0.99 37.52
N SER A 147 2.80 1.78 37.45
CA SER A 147 4.14 1.23 37.60
C SER A 147 4.28 0.47 38.91
N MET A 148 5.11 -0.56 38.87
CA MET A 148 5.36 -1.38 40.04
C MET A 148 6.41 -0.78 40.99
N HIS A 149 7.15 0.23 40.57
CA HIS A 149 8.33 0.64 41.32
C HIS A 149 8.33 2.09 41.76
N ILE A 150 7.19 2.58 42.25
CA ILE A 150 7.09 3.98 42.69
C ILE A 150 7.75 4.13 44.06
N GLU A 151 8.57 5.18 44.20
CA GLU A 151 9.26 5.49 45.45
C GLU A 151 8.38 6.36 46.35
N ASP A 152 7.84 7.43 45.77
CA ASP A 152 7.03 8.36 46.54
C ASP A 152 5.57 8.21 46.15
N VAL A 153 4.91 7.29 46.82
CA VAL A 153 3.53 6.93 46.54
C VAL A 153 2.57 8.11 46.76
N GLU A 154 2.84 8.88 47.81
N GLU A 154 2.78 8.84 47.87
CA GLU A 154 2.02 10.02 48.17
CA GLU A 154 2.01 10.07 48.18
C GLU A 154 2.06 11.12 47.10
C GLU A 154 2.04 11.08 47.05
N ALA A 155 3.24 11.36 46.55
CA ALA A 155 3.44 12.38 45.52
C ALA A 155 2.76 11.99 44.20
N VAL A 156 2.92 10.74 43.81
CA VAL A 156 2.29 10.23 42.60
C VAL A 156 0.76 10.25 42.75
N GLN A 157 0.28 9.84 43.93
N GLN A 157 0.26 9.84 43.92
CA GLN A 157 -1.17 9.82 44.19
CA GLN A 157 -1.18 9.83 44.18
C GLN A 157 -1.75 11.23 44.22
C GLN A 157 -1.73 11.24 44.18
N LYS A 158 -0.98 12.19 44.76
CA LYS A 158 -1.39 13.58 44.74
C LYS A 158 -1.48 14.09 43.29
N LEU A 159 -0.51 13.70 42.46
CA LEU A 159 -0.53 14.05 41.06
C LEU A 159 -1.76 13.52 40.32
N GLN A 160 -2.09 12.25 40.53
CA GLN A 160 -3.36 11.68 40.06
C GLN A 160 -4.57 12.49 40.50
N ASP A 161 -4.64 12.80 41.80
N ASP A 161 -4.62 12.79 41.80
CA ASP A 161 -5.76 13.55 42.34
CA ASP A 161 -5.72 13.53 42.42
C ASP A 161 -5.86 14.96 41.77
C ASP A 161 -5.86 14.95 41.84
N VAL A 162 -4.73 15.62 41.63
CA VAL A 162 -4.68 16.95 41.01
C VAL A 162 -5.28 16.95 39.60
N LEU A 163 -5.01 15.89 38.83
CA LEU A 163 -5.40 15.83 37.42
C LEU A 163 -6.83 15.35 37.28
N HIS A 164 -7.22 14.46 38.17
CA HIS A 164 -8.62 14.03 38.31
C HIS A 164 -9.48 15.22 38.71
N GLU A 165 -9.02 16.00 39.67
CA GLU A 165 -9.75 17.19 40.10
C GLU A 165 -9.91 18.20 38.99
N ALA A 166 -8.88 18.32 38.15
CA ALA A 166 -8.88 19.27 37.05
C ALA A 166 -9.94 18.87 36.03
N LEU A 167 -9.96 17.58 35.72
CA LEU A 167 -10.99 17.01 34.85
C LEU A 167 -12.38 17.27 35.40
N GLN A 168 -12.59 16.91 36.65
CA GLN A 168 -13.87 17.05 37.27
C GLN A 168 -14.35 18.52 37.29
N ASP A 169 -13.46 19.47 37.62
CA ASP A 169 -13.77 20.90 37.56
C ASP A 169 -14.11 21.39 36.17
N TYR A 170 -13.32 20.97 35.17
CA TYR A 170 -13.63 21.29 33.78
C TYR A 170 -15.02 20.76 33.37
N GLU A 171 -15.34 19.53 33.75
CA GLU A 171 -16.64 18.96 33.39
C GLU A 171 -17.77 19.63 34.13
N ALA A 172 -17.55 19.95 35.39
CA ALA A 172 -18.56 20.66 36.17
C ALA A 172 -18.84 22.02 35.54
N GLY A 173 -17.81 22.69 35.04
CA GLY A 173 -17.94 24.04 34.50
C GLY A 173 -18.44 24.09 33.07
N GLN A 174 -18.13 23.06 32.30
CA GLN A 174 -18.39 23.08 30.87
C GLN A 174 -19.47 22.11 30.41
N HIS A 175 -19.86 21.16 31.26
CA HIS A 175 -20.81 20.14 30.85
C HIS A 175 -21.83 19.83 31.94
N MET A 176 -22.55 20.85 32.37
N MET A 176 -22.53 20.87 32.39
CA MET A 176 -23.61 20.70 33.38
CA MET A 176 -23.62 20.76 33.38
C MET A 176 -24.73 19.78 32.92
C MET A 176 -24.71 19.78 32.92
N GLU A 177 -24.90 19.68 31.61
CA GLU A 177 -25.89 18.78 31.02
C GLU A 177 -25.64 17.30 31.33
N ASP A 178 -24.39 16.95 31.63
CA ASP A 178 -24.04 15.59 32.03
C ASP A 178 -23.19 15.56 33.30
N PRO A 179 -23.85 15.44 34.47
CA PRO A 179 -23.07 15.35 35.72
C PRO A 179 -22.10 14.16 35.79
N ARG A 180 -22.25 13.18 34.91
CA ARG A 180 -21.41 11.98 34.95
C ARG A 180 -20.36 11.92 33.84
N ARG A 181 -20.15 13.03 33.15
CA ARG A 181 -19.23 13.05 32.02
C ARG A 181 -17.79 12.74 32.42
N ALA A 182 -17.32 13.32 33.52
CA ALA A 182 -15.95 13.02 33.97
C ALA A 182 -15.74 11.52 34.15
N GLY A 183 -16.69 10.84 34.77
CA GLY A 183 -16.57 9.40 35.00
C GLY A 183 -16.60 8.57 33.72
N LYS A 184 -17.46 8.96 32.80
CA LYS A 184 -17.47 8.40 31.44
C LYS A 184 -16.11 8.51 30.77
N MET A 185 -15.42 9.62 30.97
CA MET A 185 -14.08 9.80 30.41
C MET A 185 -13.09 8.84 31.05
N LEU A 186 -13.19 8.65 32.36
CA LEU A 186 -12.28 7.77 33.08
C LEU A 186 -12.51 6.32 32.66
N MET A 187 -13.76 5.98 32.34
CA MET A 187 -14.11 4.64 31.89
C MET A 187 -13.59 4.28 30.51
N THR A 188 -13.09 5.26 29.77
CA THR A 188 -12.42 5.00 28.50
C THR A 188 -10.98 4.53 28.69
N LEU A 189 -10.43 4.70 29.89
CA LEU A 189 -9.03 4.42 30.13
C LEU A 189 -8.63 2.94 30.11
N PRO A 190 -9.51 2.04 30.59
CA PRO A 190 -9.24 0.61 30.42
C PRO A 190 -8.96 0.14 29.00
N LEU A 191 -9.73 0.61 28.01
CA LEU A 191 -9.42 0.24 26.62
C LEU A 191 -8.09 0.82 26.14
N LEU A 192 -7.73 2.02 26.58
CA LEU A 192 -6.43 2.61 26.29
C LEU A 192 -5.29 1.71 26.81
N ARG A 193 -5.38 1.28 28.06
CA ARG A 193 -4.40 0.37 28.68
C ARG A 193 -4.31 -0.95 27.93
N GLN A 194 -5.46 -1.49 27.57
CA GLN A 194 -5.56 -2.74 26.82
C GLN A 194 -4.78 -2.70 25.51
N THR A 195 -5.04 -1.68 24.70
CA THR A 195 -4.41 -1.57 23.39
C THR A 195 -2.92 -1.23 23.53
N SER A 196 -2.62 -0.34 24.46
N SER A 196 -2.60 -0.36 24.47
CA SER A 196 -1.24 0.00 24.76
CA SER A 196 -1.20 -0.01 24.70
C SER A 196 -0.43 -1.24 25.19
C SER A 196 -0.40 -1.22 25.23
N THR A 197 -1.03 -2.06 26.04
CA THR A 197 -0.41 -3.30 26.50
C THR A 197 -0.08 -4.20 25.31
N LYS A 198 -1.03 -4.34 24.40
CA LYS A 198 -0.87 -5.17 23.22
C LYS A 198 0.16 -4.58 22.24
N ALA A 199 0.17 -3.25 22.11
CA ALA A 199 1.16 -2.55 21.29
C ALA A 199 2.58 -2.73 21.82
N VAL A 200 2.78 -2.47 23.11
CA VAL A 200 4.11 -2.65 23.69
C VAL A 200 4.61 -4.09 23.53
N GLN A 201 3.76 -5.09 23.66
CA GLN A 201 4.27 -6.45 23.50
C GLN A 201 4.57 -6.79 22.01
N HIS A 202 3.81 -6.21 21.09
CA HIS A 202 4.16 -6.28 19.67
C HIS A 202 5.48 -5.57 19.36
N PHE A 203 5.68 -4.43 20.00
CA PHE A 203 6.91 -3.65 19.93
C PHE A 203 8.17 -4.49 20.27
N TYR A 204 8.16 -5.16 21.42
CA TYR A 204 9.26 -6.07 21.79
C TYR A 204 9.29 -7.37 20.98
N ASN A 205 8.12 -7.94 20.69
CA ASN A 205 8.05 -9.13 19.83
C ASN A 205 8.84 -8.98 18.53
N ILE A 206 8.73 -7.84 17.86
CA ILE A 206 9.40 -7.65 16.58
C ILE A 206 10.68 -6.77 16.66
N LYS A 207 11.08 -6.42 17.88
CA LYS A 207 12.36 -5.75 18.16
C LYS A 207 12.55 -4.38 17.49
N LEU A 208 11.53 -3.52 17.63
CA LEU A 208 11.62 -2.13 17.17
C LEU A 208 12.39 -1.21 18.11
N GLU A 209 12.70 -1.67 19.32
CA GLU A 209 13.50 -0.88 20.24
C GLU A 209 14.94 -0.71 19.73
N GLY A 210 15.45 -1.72 19.03
CA GLY A 210 16.80 -1.66 18.47
C GLY A 210 17.90 -2.07 19.45
N LYS A 211 19.06 -1.41 19.34
CA LYS A 211 20.22 -1.75 20.17
C LYS A 211 20.25 -0.98 21.50
N VAL A 212 19.30 -0.07 21.72
CA VAL A 212 19.26 0.70 22.97
C VAL A 212 17.91 0.60 23.69
N PRO A 213 17.92 0.00 24.91
CA PRO A 213 16.74 -0.10 25.76
C PRO A 213 16.00 1.22 25.95
N MET A 214 14.68 1.16 26.10
CA MET A 214 13.85 2.36 26.26
C MET A 214 14.28 3.14 27.49
N HIS A 215 14.50 2.42 28.59
CA HIS A 215 14.99 3.01 29.83
C HIS A 215 16.19 3.93 29.59
N LYS A 216 17.15 3.42 28.82
CA LYS A 216 18.35 4.17 28.49
C LYS A 216 18.05 5.41 27.62
N LEU A 217 17.12 5.28 26.67
CA LEU A 217 16.65 6.43 25.88
C LEU A 217 16.03 7.50 26.76
N PHE A 218 15.15 7.09 27.69
CA PHE A 218 14.39 8.04 28.50
C PHE A 218 15.30 8.82 29.42
N LEU A 219 16.24 8.11 30.04
CA LEU A 219 17.27 8.69 30.91
C LEU A 219 18.11 9.73 30.17
N GLU A 220 18.46 9.43 28.92
N GLU A 220 18.45 9.41 28.93
CA GLU A 220 19.14 10.40 28.06
CA GLU A 220 19.13 10.34 28.01
C GLU A 220 18.28 11.64 27.88
C GLU A 220 18.30 11.61 27.83
N MET A 221 17.04 11.45 27.44
CA MET A 221 16.12 12.57 27.20
C MET A 221 15.77 13.36 28.46
N LEU A 222 15.55 12.66 29.58
CA LEU A 222 15.17 13.31 30.84
C LEU A 222 16.27 14.17 31.43
N GLU A 223 17.51 13.71 31.29
CA GLU A 223 18.67 14.45 31.76
C GLU A 223 19.40 15.18 30.62
N ALA A 224 18.62 15.83 29.75
CA ALA A 224 19.15 16.63 28.63
C ALA A 224 18.72 18.10 28.78
N PRO B 1 -33.71 10.32 44.60
CA PRO B 1 -34.58 9.17 44.83
C PRO B 1 -33.79 7.88 45.07
N TYR B 2 -34.39 6.91 45.80
CA TYR B 2 -33.84 5.55 45.97
C TYR B 2 -33.77 5.02 44.53
N ASN B 3 -32.60 4.89 43.89
CA ASN B 3 -31.61 3.76 43.82
C ASN B 3 -31.49 2.41 44.56
N LYS B 4 -32.15 1.42 43.95
CA LYS B 4 -32.17 0.04 44.40
C LYS B 4 -31.02 -0.82 43.84
N ILE B 5 -30.21 -0.26 42.94
CA ILE B 5 -29.22 -1.08 42.22
C ILE B 5 -28.17 -1.75 43.10
N VAL B 6 -27.53 -1.01 43.99
CA VAL B 6 -26.50 -1.61 44.85
C VAL B 6 -27.12 -2.70 45.73
N SER B 7 -28.32 -2.43 46.25
CA SER B 7 -29.03 -3.38 47.10
C SER B 7 -29.29 -4.70 46.36
N HIS B 8 -29.78 -4.65 45.11
N HIS B 8 -29.79 -4.58 45.13
CA HIS B 8 -30.00 -5.89 44.35
CA HIS B 8 -30.01 -5.73 44.24
C HIS B 8 -28.68 -6.56 43.96
C HIS B 8 -28.71 -6.51 43.96
N LEU B 9 -27.63 -5.78 43.72
CA LEU B 9 -26.31 -6.39 43.53
C LEU B 9 -25.89 -7.18 44.77
N LEU B 10 -26.11 -6.60 45.95
CA LEU B 10 -25.79 -7.28 47.19
C LEU B 10 -26.59 -8.57 47.36
N VAL B 11 -27.89 -8.55 47.05
CA VAL B 11 -28.66 -9.79 47.16
C VAL B 11 -28.33 -10.78 46.03
N ALA B 12 -27.87 -10.28 44.90
CA ALA B 12 -27.46 -11.14 43.79
C ALA B 12 -26.13 -11.83 44.04
N GLU B 13 -25.41 -11.38 45.06
CA GLU B 13 -24.04 -11.86 45.33
C GLU B 13 -24.01 -13.37 45.62
N PRO B 14 -23.24 -14.13 44.81
CA PRO B 14 -23.14 -15.58 45.01
C PRO B 14 -22.56 -15.99 46.34
N GLU B 15 -22.79 -17.26 46.67
CA GLU B 15 -22.25 -17.88 47.85
C GLU B 15 -20.80 -18.26 47.61
N LYS B 16 -20.06 -18.46 48.70
CA LYS B 16 -18.72 -19.04 48.67
C LYS B 16 -18.65 -20.34 47.87
N ILE B 17 -17.66 -20.42 47.00
CA ILE B 17 -17.33 -21.63 46.26
C ILE B 17 -15.98 -22.08 46.75
N TYR B 18 -15.82 -23.40 46.88
CA TYR B 18 -14.62 -23.98 47.43
C TYR B 18 -13.80 -24.68 46.34
N ALA B 19 -12.48 -24.64 46.48
CA ALA B 19 -11.58 -25.30 45.52
C ALA B 19 -11.64 -26.82 45.64
N MET B 20 -11.64 -27.30 46.88
CA MET B 20 -11.64 -28.73 47.18
C MET B 20 -10.52 -29.45 46.42
N PRO B 21 -9.27 -29.06 46.68
CA PRO B 21 -8.14 -29.71 46.02
C PRO B 21 -7.90 -31.12 46.56
N ASP B 22 -7.41 -32.02 45.71
CA ASP B 22 -7.24 -33.43 46.06
C ASP B 22 -6.13 -33.57 47.10
N PRO B 23 -6.48 -34.06 48.31
CA PRO B 23 -5.51 -34.13 49.40
C PRO B 23 -4.51 -35.31 49.30
N THR B 24 -4.58 -36.03 48.18
CA THR B 24 -3.72 -37.19 47.93
C THR B 24 -2.77 -36.96 46.73
N VAL B 25 -2.85 -35.77 46.13
CA VAL B 25 -2.03 -35.44 44.95
C VAL B 25 -0.89 -34.53 45.38
N PRO B 26 0.34 -34.80 44.86
CA PRO B 26 1.52 -33.99 45.24
C PRO B 26 1.46 -32.55 44.74
N ASP B 27 1.68 -31.60 45.64
CA ASP B 27 1.65 -30.17 45.31
C ASP B 27 2.67 -29.85 44.21
N SER B 28 2.14 -29.46 43.04
CA SER B 28 2.93 -29.30 41.83
C SER B 28 2.30 -28.31 40.87
N ASP B 29 3.00 -28.05 39.76
CA ASP B 29 2.51 -27.16 38.72
C ASP B 29 1.21 -27.65 38.10
N ILE B 30 1.07 -28.96 37.92
CA ILE B 30 -0.11 -29.53 37.25
C ILE B 30 -1.32 -29.45 38.17
N LYS B 31 -1.13 -29.85 39.43
CA LYS B 31 -2.17 -29.87 40.45
C LYS B 31 -2.87 -28.50 40.64
N ALA B 32 -2.07 -27.43 40.62
CA ALA B 32 -2.61 -26.08 40.75
C ALA B 32 -3.59 -25.74 39.62
N LEU B 33 -3.11 -25.88 38.39
CA LEU B 33 -3.90 -25.53 37.21
C LEU B 33 -5.19 -26.34 37.13
N THR B 34 -5.10 -27.60 37.54
CA THR B 34 -6.25 -28.49 37.59
C THR B 34 -7.27 -27.95 38.61
N THR B 35 -6.78 -27.54 39.78
CA THR B 35 -7.63 -26.98 40.84
C THR B 35 -8.30 -25.69 40.37
N LEU B 36 -7.52 -24.82 39.74
CA LEU B 36 -8.03 -23.56 39.24
C LEU B 36 -9.03 -23.72 38.09
N CYS B 37 -8.76 -24.68 37.21
CA CYS B 37 -9.68 -24.97 36.09
C CYS B 37 -11.05 -25.42 36.62
N ASP B 38 -11.04 -26.30 37.61
N ASP B 38 -11.03 -26.31 37.60
CA ASP B 38 -12.28 -26.91 38.12
CA ASP B 38 -12.25 -26.90 38.18
C ASP B 38 -13.05 -25.93 39.02
C ASP B 38 -13.03 -25.83 38.94
N LEU B 39 -12.32 -25.11 39.79
CA LEU B 39 -12.91 -24.00 40.54
C LEU B 39 -13.52 -22.93 39.61
N ALA B 40 -12.75 -22.52 38.60
CA ALA B 40 -13.20 -21.47 37.70
C ALA B 40 -14.48 -21.85 36.93
N ASP B 41 -14.56 -23.10 36.50
CA ASP B 41 -15.77 -23.60 35.84
C ASP B 41 -17.01 -23.54 36.72
N ARG B 42 -16.86 -23.84 38.00
CA ARG B 42 -18.00 -23.71 38.92
C ARG B 42 -18.29 -22.25 39.22
N GLU B 43 -17.24 -21.45 39.33
CA GLU B 43 -17.41 -20.01 39.50
C GLU B 43 -18.16 -19.37 38.33
N LEU B 44 -17.81 -19.75 37.11
CA LEU B 44 -18.44 -19.18 35.91
C LEU B 44 -19.94 -19.47 35.80
N VAL B 45 -20.35 -20.67 36.23
CA VAL B 45 -21.78 -20.97 36.34
C VAL B 45 -22.53 -19.94 37.19
N VAL B 46 -22.09 -19.69 38.43
CA VAL B 46 -22.77 -18.69 39.27
C VAL B 46 -22.60 -17.24 38.72
N ILE B 47 -21.51 -16.97 38.01
CA ILE B 47 -21.30 -15.65 37.37
C ILE B 47 -22.34 -15.36 36.29
N ILE B 48 -22.60 -16.35 35.45
CA ILE B 48 -23.67 -16.22 34.44
C ILE B 48 -25.01 -15.96 35.12
N GLY B 49 -25.31 -16.70 36.19
CA GLY B 49 -26.54 -16.51 36.95
C GLY B 49 -26.59 -15.12 37.57
N TRP B 50 -25.47 -14.70 38.13
CA TRP B 50 -25.32 -13.37 38.69
C TRP B 50 -25.60 -12.29 37.64
N ALA B 51 -24.99 -12.42 36.46
CA ALA B 51 -25.15 -11.44 35.38
C ALA B 51 -26.61 -11.30 34.94
N LYS B 52 -27.35 -12.39 34.98
CA LYS B 52 -28.78 -12.37 34.66
C LYS B 52 -29.58 -11.47 35.62
N HIS B 53 -29.10 -11.30 36.84
CA HIS B 53 -29.74 -10.41 37.82
C HIS B 53 -29.41 -8.94 37.65
N ILE B 54 -28.42 -8.63 36.81
CA ILE B 54 -28.04 -7.24 36.56
C ILE B 54 -29.11 -6.62 35.66
N PRO B 55 -29.75 -5.54 36.14
CA PRO B 55 -30.88 -5.01 35.38
C PRO B 55 -30.44 -4.50 34.02
N GLY B 56 -31.10 -4.99 32.98
CA GLY B 56 -30.79 -4.64 31.61
C GLY B 56 -30.02 -5.71 30.88
N PHE B 57 -29.32 -6.58 31.62
CA PHE B 57 -28.43 -7.55 31.00
C PHE B 57 -29.17 -8.55 30.11
N SER B 58 -30.20 -9.16 30.67
CA SER B 58 -30.88 -10.23 29.98
C SER B 58 -31.94 -9.71 29.02
N THR B 59 -32.12 -8.39 28.96
CA THR B 59 -32.93 -7.78 27.89
C THR B 59 -32.05 -7.50 26.66
N LEU B 60 -30.73 -7.59 26.81
CA LEU B 60 -29.83 -7.64 25.65
C LEU B 60 -30.05 -8.94 24.88
N SER B 61 -29.65 -8.95 23.61
CA SER B 61 -29.69 -10.16 22.81
C SER B 61 -28.70 -11.19 23.36
N LEU B 62 -28.91 -12.46 23.02
CA LEU B 62 -27.99 -13.52 23.43
C LEU B 62 -26.58 -13.22 22.95
N ALA B 63 -26.45 -12.63 21.77
CA ALA B 63 -25.16 -12.34 21.16
C ALA B 63 -24.41 -11.30 21.99
N ASP B 64 -25.15 -10.28 22.45
CA ASP B 64 -24.56 -9.22 23.26
C ASP B 64 -24.27 -9.72 24.67
N GLN B 65 -25.17 -10.53 25.22
CA GLN B 65 -24.89 -11.18 26.50
C GLN B 65 -23.59 -11.98 26.46
N MET B 66 -23.48 -12.83 25.45
CA MET B 66 -22.26 -13.62 25.21
C MET B 66 -21.03 -12.76 24.99
N SER B 67 -21.20 -11.67 24.24
CA SER B 67 -20.07 -10.77 23.94
C SER B 67 -19.50 -10.07 25.17
N LEU B 68 -20.36 -9.59 26.06
CA LEU B 68 -19.91 -8.96 27.32
C LEU B 68 -19.17 -9.97 28.19
N LEU B 69 -19.72 -11.17 28.28
CA LEU B 69 -19.14 -12.23 29.08
C LEU B 69 -17.79 -12.68 28.55
N GLN B 70 -17.70 -12.85 27.23
CA GLN B 70 -16.44 -13.20 26.56
C GLN B 70 -15.35 -12.19 26.90
N SER B 71 -15.72 -10.90 26.90
CA SER B 71 -14.76 -9.83 27.22
C SER B 71 -14.46 -9.67 28.71
N ALA B 72 -15.42 -9.94 29.57
CA ALA B 72 -15.28 -9.62 31.01
C ALA B 72 -14.95 -10.80 31.94
N TRP B 73 -15.24 -12.03 31.53
CA TRP B 73 -15.22 -13.15 32.48
C TRP B 73 -13.96 -13.23 33.37
N MET B 74 -12.79 -12.99 32.81
CA MET B 74 -11.56 -13.07 33.56
C MET B 74 -11.40 -11.88 34.56
N GLU B 75 -11.87 -10.70 34.17
CA GLU B 75 -11.93 -9.56 35.10
C GLU B 75 -12.82 -9.85 36.30
N ILE B 76 -13.96 -10.51 36.06
CA ILE B 76 -14.87 -10.88 37.15
C ILE B 76 -14.22 -11.93 38.05
N LEU B 77 -13.53 -12.90 37.46
CA LEU B 77 -12.86 -13.93 38.25
C LEU B 77 -11.77 -13.31 39.12
N ILE B 78 -11.03 -12.38 38.52
CA ILE B 78 -9.88 -11.77 39.18
C ILE B 78 -10.33 -10.83 40.27
N LEU B 79 -11.36 -10.06 40.03
CA LEU B 79 -11.81 -9.09 41.02
C LEU B 79 -12.33 -9.80 42.26
N GLY B 80 -12.91 -10.99 42.08
CA GLY B 80 -13.29 -11.87 43.18
C GLY B 80 -12.11 -12.32 44.01
N VAL B 81 -11.05 -12.76 43.36
CA VAL B 81 -9.85 -13.17 44.08
C VAL B 81 -9.29 -11.97 44.86
N VAL B 82 -9.27 -10.81 44.20
CA VAL B 82 -8.76 -9.57 44.78
C VAL B 82 -9.51 -9.23 46.08
N TYR B 83 -10.84 -9.27 46.02
CA TYR B 83 -11.66 -8.94 47.18
C TYR B 83 -11.48 -9.97 48.30
N ARG B 84 -11.45 -11.26 47.96
CA ARG B 84 -11.19 -12.29 48.96
C ARG B 84 -9.81 -12.16 49.62
N SER B 85 -8.91 -11.44 48.95
CA SER B 85 -7.53 -11.33 49.37
C SER B 85 -7.18 -10.07 50.18
N LEU B 86 -8.15 -9.15 50.35
CA LEU B 86 -7.89 -7.85 51.01
C LEU B 86 -7.40 -7.93 52.44
N SER B 87 -7.85 -8.91 53.22
CA SER B 87 -7.37 -9.07 54.62
C SER B 87 -6.12 -9.94 54.72
N PHE B 88 -5.52 -10.29 53.59
CA PHE B 88 -4.34 -11.15 53.56
C PHE B 88 -3.14 -10.34 53.08
N GLU B 89 -1.94 -10.87 53.29
N GLU B 89 -1.96 -10.94 53.23
CA GLU B 89 -0.74 -10.14 52.90
CA GLU B 89 -0.70 -10.26 52.98
C GLU B 89 0.14 -11.01 52.01
C GLU B 89 0.14 -11.07 52.00
N ASP B 90 0.31 -10.54 50.77
CA ASP B 90 1.14 -11.19 49.75
C ASP B 90 0.67 -12.60 49.42
N GLU B 91 -0.64 -12.81 49.51
CA GLU B 91 -1.29 -14.09 49.26
C GLU B 91 -2.59 -13.82 48.53
N LEU B 92 -2.92 -14.70 47.58
CA LEU B 92 -4.17 -14.61 46.82
C LEU B 92 -5.10 -15.75 47.20
N VAL B 93 -6.34 -15.36 47.52
CA VAL B 93 -7.35 -16.25 48.07
C VAL B 93 -8.35 -16.57 46.96
N TYR B 94 -8.07 -17.65 46.24
CA TYR B 94 -8.97 -18.13 45.20
C TYR B 94 -10.24 -18.68 45.84
N ALA B 95 -10.06 -19.33 46.98
CA ALA B 95 -11.18 -19.79 47.80
C ALA B 95 -10.72 -19.84 49.25
N ASP B 96 -11.66 -20.13 50.15
CA ASP B 96 -11.32 -20.25 51.59
C ASP B 96 -10.36 -21.41 51.85
N ASP B 97 -10.46 -22.45 51.02
CA ASP B 97 -9.59 -23.63 51.13
C ASP B 97 -8.43 -23.63 50.13
N TYR B 98 -8.26 -22.56 49.37
CA TYR B 98 -7.17 -22.48 48.40
C TYR B 98 -6.55 -21.08 48.35
N ILE B 99 -5.50 -20.91 49.15
CA ILE B 99 -4.73 -19.67 49.23
C ILE B 99 -3.33 -19.92 48.69
N MET B 100 -2.86 -19.02 47.81
CA MET B 100 -1.59 -19.17 47.11
C MET B 100 -0.62 -18.04 47.46
N ASP B 101 0.53 -18.41 48.02
CA ASP B 101 1.61 -17.45 48.30
C ASP B 101 2.60 -17.33 47.11
N GLU B 102 3.66 -16.54 47.32
CA GLU B 102 4.66 -16.27 46.29
C GLU B 102 5.33 -17.53 45.72
N ASP B 103 5.58 -18.49 46.60
CA ASP B 103 6.26 -19.72 46.20
C ASP B 103 5.36 -20.65 45.43
N GLN B 104 4.10 -20.71 45.82
CA GLN B 104 3.13 -21.55 45.12
C GLN B 104 2.83 -20.97 43.73
N SER B 105 2.87 -19.64 43.61
CA SER B 105 2.71 -18.96 42.33
C SER B 105 3.82 -19.29 41.34
N LYS B 106 5.07 -19.34 41.80
CA LYS B 106 6.20 -19.78 40.97
C LYS B 106 5.98 -21.20 40.45
N LEU B 107 5.64 -22.12 41.37
CA LEU B 107 5.35 -23.51 40.99
C LEU B 107 4.36 -23.55 39.84
N ALA B 108 3.31 -22.72 39.92
CA ALA B 108 2.24 -22.74 38.92
C ALA B 108 2.48 -21.82 37.71
N GLY B 109 3.63 -21.15 37.68
CA GLY B 109 3.94 -20.21 36.60
C GLY B 109 3.07 -18.96 36.58
N LEU B 110 2.65 -18.48 37.75
CA LEU B 110 1.69 -17.36 37.85
C LEU B 110 2.24 -16.13 38.55
N LEU B 111 3.55 -16.10 38.77
CA LEU B 111 4.16 -15.08 39.60
C LEU B 111 3.97 -13.66 39.06
N ASP B 112 4.34 -13.43 37.81
CA ASP B 112 4.25 -12.09 37.22
C ASP B 112 2.81 -11.60 37.24
N LEU B 113 1.92 -12.55 36.98
CA LEU B 113 0.49 -12.34 36.96
C LEU B 113 -0.10 -12.04 38.34
N ASN B 114 0.33 -12.82 39.33
CA ASN B 114 -0.14 -12.63 40.69
C ASN B 114 0.48 -11.43 41.40
N ASN B 115 1.66 -11.01 40.96
CA ASN B 115 2.24 -9.77 41.46
C ASN B 115 1.41 -8.57 40.99
N ALA B 116 0.86 -8.67 39.79
CA ALA B 116 0.01 -7.61 39.28
C ALA B 116 -1.35 -7.61 39.97
N ILE B 117 -1.86 -8.79 40.31
CA ILE B 117 -3.10 -8.91 41.06
C ILE B 117 -2.94 -8.38 42.48
N LEU B 118 -1.79 -8.68 43.09
CA LEU B 118 -1.48 -8.16 44.41
C LEU B 118 -1.34 -6.64 44.40
N GLN B 119 -0.86 -6.11 43.29
CA GLN B 119 -0.81 -4.67 43.05
C GLN B 119 -2.20 -4.08 43.16
N LEU B 120 -3.18 -4.79 42.63
CA LEU B 120 -4.59 -4.40 42.73
C LEU B 120 -5.10 -4.50 44.16
N VAL B 121 -4.74 -5.60 44.82
CA VAL B 121 -5.09 -5.77 46.23
C VAL B 121 -4.53 -4.60 47.06
N LYS B 122 -3.27 -4.23 46.82
CA LYS B 122 -2.61 -3.15 47.56
C LYS B 122 -3.31 -1.80 47.37
N LYS B 123 -3.74 -1.53 46.14
N LYS B 123 -3.73 -1.50 46.14
CA LYS B 123 -4.47 -0.30 45.81
CA LYS B 123 -4.48 -0.28 45.84
C LYS B 123 -5.83 -0.26 46.53
C LYS B 123 -5.83 -0.26 46.56
N TYR B 124 -6.59 -1.35 46.46
CA TYR B 124 -7.89 -1.43 47.13
C TYR B 124 -7.80 -1.42 48.66
N LYS B 125 -6.77 -2.04 49.20
CA LYS B 125 -6.50 -1.98 50.63
C LYS B 125 -6.35 -0.53 51.11
N SER B 126 -5.68 0.29 50.31
CA SER B 126 -5.39 1.67 50.69
C SER B 126 -6.61 2.57 50.65
N MET B 127 -7.48 2.33 49.67
CA MET B 127 -8.73 3.07 49.57
C MET B 127 -9.81 2.55 50.54
N LYS B 128 -9.55 1.43 51.22
CA LYS B 128 -10.55 0.75 52.06
C LYS B 128 -11.83 0.36 51.29
N LEU B 129 -11.61 -0.38 50.21
CA LEU B 129 -12.71 -0.91 49.39
C LEU B 129 -13.79 -1.59 50.20
N GLU B 130 -15.02 -1.11 50.00
CA GLU B 130 -16.22 -1.66 50.64
C GLU B 130 -16.90 -2.69 49.73
N LYS B 131 -17.70 -3.57 50.32
CA LYS B 131 -18.42 -4.60 49.58
C LYS B 131 -19.38 -4.01 48.53
N GLU B 132 -20.00 -2.89 48.88
CA GLU B 132 -20.92 -2.22 47.97
C GLU B 132 -20.16 -1.72 46.74
N GLU B 133 -18.97 -1.17 46.99
CA GLU B 133 -18.06 -0.74 45.93
C GLU B 133 -17.61 -1.91 45.06
N PHE B 134 -17.18 -2.97 45.71
CA PHE B 134 -16.76 -4.21 45.05
C PHE B 134 -17.78 -4.78 44.03
N VAL B 135 -19.01 -4.99 44.50
CA VAL B 135 -20.06 -5.59 43.65
C VAL B 135 -20.43 -4.69 42.48
N THR B 136 -20.41 -3.38 42.70
CA THR B 136 -20.74 -2.41 41.65
C THR B 136 -19.65 -2.32 40.58
N LEU B 137 -18.39 -2.42 41.01
CA LEU B 137 -17.27 -2.41 40.07
C LEU B 137 -17.23 -3.69 39.28
N LYS B 138 -17.65 -4.79 39.90
CA LYS B 138 -17.84 -6.04 39.15
C LYS B 138 -18.84 -5.85 38.04
N ALA B 139 -20.00 -5.30 38.38
CA ALA B 139 -21.03 -5.02 37.38
C ALA B 139 -20.55 -4.02 36.32
N ILE B 140 -19.79 -3.02 36.74
CA ILE B 140 -19.25 -2.02 35.77
C ILE B 140 -18.23 -2.70 34.82
N ALA B 141 -17.46 -3.62 35.36
CA ALA B 141 -16.45 -4.36 34.59
C ALA B 141 -17.08 -5.18 33.48
N LEU B 142 -18.24 -5.75 33.77
CA LEU B 142 -18.99 -6.49 32.79
C LEU B 142 -19.48 -5.59 31.68
N ALA B 143 -20.12 -4.49 32.06
CA ALA B 143 -20.78 -3.61 31.11
C ALA B 143 -19.79 -2.76 30.30
N ASN B 144 -18.65 -2.43 30.92
CA ASN B 144 -17.63 -1.62 30.31
C ASN B 144 -16.49 -2.48 29.72
N SER B 145 -16.80 -3.70 29.30
CA SER B 145 -15.76 -4.68 28.92
C SER B 145 -15.17 -4.51 27.51
N ASP B 146 -15.71 -3.56 26.73
CA ASP B 146 -15.16 -3.17 25.44
C ASP B 146 -15.08 -4.27 24.38
N SER B 147 -16.07 -5.14 24.37
CA SER B 147 -16.24 -6.10 23.29
C SER B 147 -16.34 -5.38 21.96
N MET B 148 -15.77 -5.99 20.92
N MET B 148 -15.75 -5.96 20.91
CA MET B 148 -15.80 -5.44 19.58
CA MET B 148 -15.84 -5.43 19.55
C MET B 148 -17.06 -5.84 18.81
C MET B 148 -17.18 -5.72 18.89
N HIS B 149 -17.84 -6.78 19.34
CA HIS B 149 -18.97 -7.37 18.59
C HIS B 149 -20.37 -6.91 19.03
N ILE B 150 -20.47 -5.75 19.68
CA ILE B 150 -21.75 -5.31 20.23
C ILE B 150 -22.69 -4.86 19.12
N GLU B 151 -23.93 -5.34 19.20
CA GLU B 151 -24.97 -5.03 18.24
C GLU B 151 -25.70 -3.77 18.67
N ASP B 152 -26.28 -3.79 19.87
CA ASP B 152 -27.00 -2.64 20.39
C ASP B 152 -26.07 -1.85 21.33
N VAL B 153 -25.24 -1.02 20.70
CA VAL B 153 -24.24 -0.16 21.36
C VAL B 153 -24.90 0.75 22.41
N GLU B 154 -26.07 1.27 22.05
CA GLU B 154 -26.78 2.23 22.89
C GLU B 154 -27.30 1.58 24.17
N ALA B 155 -27.86 0.38 24.06
CA ALA B 155 -28.37 -0.35 25.23
C ALA B 155 -27.24 -0.72 26.20
N VAL B 156 -26.10 -1.12 25.66
CA VAL B 156 -24.89 -1.42 26.45
C VAL B 156 -24.33 -0.14 27.11
N GLN B 157 -24.38 0.99 26.39
N GLN B 157 -24.39 0.99 26.40
CA GLN B 157 -24.02 2.28 26.94
CA GLN B 157 -24.01 2.28 27.00
C GLN B 157 -24.95 2.67 28.11
C GLN B 157 -24.95 2.66 28.13
N LYS B 158 -26.25 2.39 27.96
CA LYS B 158 -27.24 2.69 29.01
C LYS B 158 -26.99 1.89 30.29
N LEU B 159 -26.64 0.62 30.12
CA LEU B 159 -26.32 -0.27 31.23
C LEU B 159 -25.10 0.24 31.99
N GLN B 160 -24.07 0.64 31.26
CA GLN B 160 -22.92 1.29 31.87
C GLN B 160 -23.32 2.54 32.66
N ASP B 161 -24.20 3.35 32.07
N ASP B 161 -24.21 3.35 32.10
CA ASP B 161 -24.67 4.59 32.70
CA ASP B 161 -24.61 4.58 32.77
C ASP B 161 -25.42 4.31 34.00
C ASP B 161 -25.41 4.30 34.03
N VAL B 162 -26.28 3.31 33.96
CA VAL B 162 -27.07 2.91 35.11
C VAL B 162 -26.17 2.48 36.28
N LEU B 163 -25.11 1.75 35.96
CA LEU B 163 -24.21 1.22 36.98
C LEU B 163 -23.25 2.29 37.48
N HIS B 164 -22.77 3.12 36.56
CA HIS B 164 -21.96 4.26 36.90
C HIS B 164 -22.69 5.22 37.84
N GLU B 165 -23.94 5.53 37.50
CA GLU B 165 -24.83 6.35 38.35
C GLU B 165 -24.98 5.76 39.75
N ALA B 166 -25.24 4.47 39.83
CA ALA B 166 -25.34 3.76 41.09
C ALA B 166 -24.12 3.96 41.99
N LEU B 167 -22.92 3.79 41.43
CA LEU B 167 -21.67 4.00 42.16
C LEU B 167 -21.55 5.44 42.67
N GLN B 168 -21.81 6.39 41.78
CA GLN B 168 -21.72 7.81 42.11
C GLN B 168 -22.75 8.20 43.18
N ASP B 169 -23.97 7.67 43.08
CA ASP B 169 -25.01 7.88 44.08
C ASP B 169 -24.52 7.31 45.41
N TYR B 170 -23.90 6.13 45.36
CA TYR B 170 -23.42 5.48 46.57
C TYR B 170 -22.32 6.32 47.21
N GLU B 171 -21.39 6.79 46.38
CA GLU B 171 -20.26 7.55 46.89
C GLU B 171 -20.68 8.89 47.47
N ALA B 172 -21.62 9.54 46.81
CA ALA B 172 -22.12 10.85 47.25
C ALA B 172 -22.80 10.79 48.62
N GLY B 173 -23.62 9.75 48.84
CA GLY B 173 -24.34 9.61 50.10
C GLY B 173 -23.49 9.09 51.25
N GLN B 174 -22.56 8.19 50.94
CA GLN B 174 -21.80 7.46 51.94
C GLN B 174 -20.33 7.88 52.14
N HIS B 175 -19.76 8.63 51.19
CA HIS B 175 -18.39 9.14 51.32
C HIS B 175 -18.26 10.64 50.96
N MET B 176 -19.10 11.46 51.56
CA MET B 176 -19.06 12.90 51.34
C MET B 176 -17.66 13.48 51.62
N GLU B 177 -16.93 12.88 52.56
CA GLU B 177 -15.57 13.33 52.91
C GLU B 177 -14.59 13.32 51.72
N ASP B 178 -14.83 12.44 50.74
CA ASP B 178 -14.07 12.44 49.49
C ASP B 178 -14.99 12.57 48.26
N PRO B 179 -15.21 13.81 47.78
CA PRO B 179 -16.07 13.99 46.60
C PRO B 179 -15.53 13.38 45.31
N ARG B 180 -14.30 12.86 45.33
CA ARG B 180 -13.72 12.24 44.15
C ARG B 180 -13.53 10.74 44.28
N ARG B 181 -14.16 10.12 45.27
CA ARG B 181 -14.01 8.68 45.53
C ARG B 181 -14.52 7.80 44.38
N ALA B 182 -15.65 8.14 43.78
CA ALA B 182 -16.14 7.39 42.65
C ALA B 182 -15.12 7.36 41.51
N GLY B 183 -14.59 8.52 41.15
CA GLY B 183 -13.55 8.57 40.12
C GLY B 183 -12.28 7.77 40.44
N LYS B 184 -11.88 7.77 41.72
CA LYS B 184 -10.75 6.95 42.18
C LYS B 184 -11.02 5.46 41.96
N MET B 185 -12.24 5.03 42.23
CA MET B 185 -12.62 3.65 41.99
C MET B 185 -12.54 3.30 40.52
N LEU B 186 -13.09 4.17 39.68
CA LEU B 186 -13.02 3.98 38.21
C LEU B 186 -11.59 3.94 37.68
N MET B 187 -10.70 4.73 38.27
CA MET B 187 -9.27 4.71 37.90
C MET B 187 -8.50 3.44 38.28
N THR B 188 -9.14 2.55 39.05
CA THR B 188 -8.59 1.22 39.32
C THR B 188 -8.88 0.21 38.21
N LEU B 189 -9.76 0.55 37.28
CA LEU B 189 -10.19 -0.41 36.28
C LEU B 189 -9.15 -0.75 35.20
N PRO B 190 -8.31 0.22 34.77
CA PRO B 190 -7.21 -0.12 33.86
C PRO B 190 -6.27 -1.25 34.33
N LEU B 191 -5.85 -1.23 35.59
CA LEU B 191 -4.97 -2.27 36.10
C LEU B 191 -5.68 -3.64 36.08
N LEU B 192 -6.98 -3.64 36.35
CA LEU B 192 -7.77 -4.87 36.24
C LEU B 192 -7.86 -5.40 34.81
N ARG B 193 -7.99 -4.50 33.84
CA ARG B 193 -8.05 -4.86 32.41
C ARG B 193 -6.70 -5.41 31.96
N GLN B 194 -5.64 -4.69 32.31
CA GLN B 194 -4.26 -5.12 32.09
C GLN B 194 -4.04 -6.53 32.60
N THR B 195 -4.37 -6.72 33.86
CA THR B 195 -4.16 -7.99 34.53
C THR B 195 -4.92 -9.15 33.85
N SER B 196 -6.21 -8.92 33.58
N SER B 196 -6.19 -8.92 33.54
CA SER B 196 -7.07 -9.89 32.89
CA SER B 196 -7.02 -9.93 32.93
C SER B 196 -6.57 -10.21 31.50
C SER B 196 -6.63 -10.20 31.49
N THR B 197 -6.24 -9.16 30.76
CA THR B 197 -5.69 -9.31 29.41
C THR B 197 -4.48 -10.24 29.43
N LYS B 198 -3.56 -10.02 30.36
CA LYS B 198 -2.40 -10.90 30.49
C LYS B 198 -2.77 -12.33 30.92
N ALA B 199 -3.75 -12.47 31.80
CA ALA B 199 -4.19 -13.80 32.25
C ALA B 199 -4.91 -14.60 31.16
N VAL B 200 -5.69 -13.91 30.33
CA VAL B 200 -6.37 -14.54 29.22
C VAL B 200 -5.39 -14.96 28.13
N GLN B 201 -4.32 -14.18 27.94
N GLN B 201 -4.33 -14.17 27.94
CA GLN B 201 -3.30 -14.53 26.97
CA GLN B 201 -3.27 -14.53 26.99
C GLN B 201 -2.57 -15.81 27.44
C GLN B 201 -2.60 -15.82 27.45
N HIS B 202 -2.24 -15.86 28.72
CA HIS B 202 -1.62 -17.03 29.33
C HIS B 202 -2.56 -18.24 29.26
N PHE B 203 -3.82 -18.00 29.57
CA PHE B 203 -4.89 -18.99 29.46
C PHE B 203 -4.82 -19.74 28.13
N TYR B 204 -4.78 -18.97 27.04
CA TYR B 204 -4.69 -19.53 25.69
C TYR B 204 -3.31 -20.11 25.37
N ASN B 205 -2.23 -19.43 25.80
CA ASN B 205 -0.86 -19.93 25.56
C ASN B 205 -0.67 -21.37 26.02
N ILE B 206 -1.19 -21.71 27.20
CA ILE B 206 -1.08 -23.06 27.77
C ILE B 206 -2.36 -23.92 27.56
N LYS B 207 -3.35 -23.34 26.88
CA LYS B 207 -4.48 -24.06 26.25
C LYS B 207 -5.48 -24.66 27.26
N LEU B 208 -5.79 -23.90 28.29
CA LEU B 208 -6.65 -24.37 29.38
C LEU B 208 -8.14 -24.44 29.02
N GLU B 209 -8.56 -23.83 27.91
CA GLU B 209 -9.96 -23.89 27.48
C GLU B 209 -10.37 -25.33 27.13
N GLY B 210 -9.39 -26.12 26.73
CA GLY B 210 -9.63 -27.50 26.37
C GLY B 210 -10.14 -27.57 24.94
N LYS B 211 -11.12 -28.46 24.74
CA LYS B 211 -11.62 -28.78 23.42
C LYS B 211 -12.95 -28.07 23.11
N VAL B 212 -13.35 -27.16 23.99
CA VAL B 212 -14.61 -26.42 23.84
C VAL B 212 -14.37 -24.94 24.12
N PRO B 213 -14.47 -24.07 23.08
CA PRO B 213 -14.21 -22.64 23.26
C PRO B 213 -15.12 -21.99 24.28
N MET B 214 -14.63 -20.92 24.90
CA MET B 214 -15.34 -20.22 25.96
C MET B 214 -16.72 -19.72 25.54
N HIS B 215 -16.84 -19.26 24.29
CA HIS B 215 -18.13 -18.78 23.79
C HIS B 215 -19.18 -19.88 23.77
N LYS B 216 -18.73 -21.11 23.54
CA LYS B 216 -19.59 -22.29 23.59
C LYS B 216 -20.02 -22.61 25.02
N LEU B 217 -19.10 -22.47 25.98
CA LEU B 217 -19.45 -22.62 27.40
C LEU B 217 -20.48 -21.60 27.84
N PHE B 218 -20.33 -20.36 27.39
CA PHE B 218 -21.27 -19.31 27.74
C PHE B 218 -22.66 -19.58 27.16
N LEU B 219 -22.73 -19.89 25.87
CA LEU B 219 -23.98 -20.33 25.22
C LEU B 219 -24.66 -21.45 26.02
N GLU B 220 -23.89 -22.46 26.41
N GLU B 220 -23.87 -22.45 26.40
CA GLU B 220 -24.39 -23.56 27.22
CA GLU B 220 -24.32 -23.57 27.23
C GLU B 220 -24.91 -23.09 28.58
C GLU B 220 -24.91 -23.09 28.56
N MET B 221 -24.10 -22.31 29.29
CA MET B 221 -24.47 -21.80 30.61
C MET B 221 -25.68 -20.85 30.58
N LEU B 222 -25.76 -20.02 29.53
CA LEU B 222 -26.85 -19.06 29.39
C LEU B 222 -28.20 -19.70 29.04
N GLU B 223 -28.17 -20.87 28.40
CA GLU B 223 -29.39 -21.56 27.97
C GLU B 223 -30.03 -22.41 29.06
N ALA B 224 -29.28 -22.69 30.13
CA ALA B 224 -29.77 -23.52 31.23
C ALA B 224 -30.83 -22.80 32.08
N TYR C 2 -15.57 34.76 -27.70
CA TYR C 2 -14.09 34.66 -27.44
C TYR C 2 -13.29 34.26 -28.70
N ASN C 3 -11.99 34.06 -28.49
CA ASN C 3 -11.03 33.54 -29.48
C ASN C 3 -11.54 32.55 -30.55
N LYS C 4 -11.19 32.81 -31.81
CA LYS C 4 -11.60 31.94 -32.93
C LYS C 4 -10.88 30.60 -32.91
N ILE C 5 -9.58 30.62 -32.61
CA ILE C 5 -8.76 29.41 -32.57
C ILE C 5 -9.26 28.42 -31.52
N VAL C 6 -9.66 28.92 -30.35
CA VAL C 6 -10.16 28.05 -29.27
C VAL C 6 -11.49 27.42 -29.67
N SER C 7 -12.40 28.23 -30.22
CA SER C 7 -13.70 27.75 -30.61
C SER C 7 -13.65 26.71 -31.75
N HIS C 8 -12.66 26.84 -32.65
CA HIS C 8 -12.46 25.83 -33.70
C HIS C 8 -11.86 24.54 -33.16
N LEU C 9 -10.89 24.65 -32.25
CA LEU C 9 -10.38 23.48 -31.52
C LEU C 9 -11.50 22.71 -30.79
N LEU C 10 -12.44 23.45 -30.22
CA LEU C 10 -13.61 22.84 -29.58
C LEU C 10 -14.39 21.92 -30.50
N VAL C 11 -14.57 22.30 -31.76
CA VAL C 11 -15.34 21.52 -32.71
C VAL C 11 -14.47 20.47 -33.42
N ALA C 12 -13.19 20.77 -33.56
CA ALA C 12 -12.17 19.79 -34.00
C ALA C 12 -12.04 18.58 -33.05
N GLU C 13 -12.50 18.74 -31.82
CA GLU C 13 -12.51 17.67 -30.84
C GLU C 13 -13.19 16.38 -31.36
N PRO C 14 -12.44 15.26 -31.36
CA PRO C 14 -13.03 14.05 -31.95
C PRO C 14 -14.20 13.49 -31.15
N GLU C 15 -14.97 12.60 -31.77
N GLU C 15 -14.99 12.62 -31.77
CA GLU C 15 -16.10 11.93 -31.12
CA GLU C 15 -16.12 12.00 -31.09
C GLU C 15 -15.59 10.91 -30.11
C GLU C 15 -15.61 10.92 -30.14
N LYS C 16 -16.47 10.47 -29.23
CA LYS C 16 -16.14 9.47 -28.24
C LYS C 16 -15.67 8.18 -28.90
N ILE C 17 -14.70 7.54 -28.27
CA ILE C 17 -14.19 6.26 -28.74
C ILE C 17 -14.40 5.30 -27.58
N TYR C 18 -14.83 4.09 -27.91
CA TYR C 18 -15.15 3.09 -26.90
C TYR C 18 -14.09 2.03 -26.90
N ALA C 19 -13.76 1.56 -25.70
CA ALA C 19 -12.79 0.48 -25.51
C ALA C 19 -13.36 -0.87 -25.93
N MET C 20 -14.65 -1.10 -25.68
CA MET C 20 -15.34 -2.35 -26.07
C MET C 20 -14.62 -3.61 -25.57
N PRO C 21 -14.33 -3.68 -24.27
CA PRO C 21 -13.69 -4.87 -23.71
C PRO C 21 -14.57 -6.11 -23.84
N ASP C 22 -13.97 -7.26 -24.09
CA ASP C 22 -14.75 -8.48 -24.28
C ASP C 22 -15.29 -8.94 -22.91
N PRO C 23 -16.63 -8.95 -22.75
CA PRO C 23 -17.18 -9.32 -21.44
C PRO C 23 -17.19 -10.83 -21.21
N THR C 24 -16.94 -11.61 -22.27
CA THR C 24 -16.70 -13.05 -22.11
C THR C 24 -15.41 -13.30 -21.30
N VAL C 25 -14.42 -12.43 -21.49
CA VAL C 25 -13.09 -12.62 -20.93
C VAL C 25 -13.03 -12.22 -19.44
N PRO C 26 -12.56 -13.13 -18.57
CA PRO C 26 -12.32 -12.77 -17.18
C PRO C 26 -11.24 -11.71 -17.02
N ASP C 27 -11.45 -10.82 -16.05
CA ASP C 27 -10.49 -9.76 -15.72
C ASP C 27 -9.07 -10.29 -15.45
N SER C 28 -8.09 -9.64 -16.07
CA SER C 28 -6.69 -10.03 -15.93
C SER C 28 -5.83 -8.88 -16.41
N ASP C 29 -4.53 -8.98 -16.16
CA ASP C 29 -3.57 -7.98 -16.61
C ASP C 29 -3.47 -8.01 -18.15
N ILE C 30 -3.51 -9.19 -18.74
CA ILE C 30 -3.54 -9.31 -20.20
C ILE C 30 -4.77 -8.58 -20.76
N LYS C 31 -5.93 -8.84 -20.16
CA LYS C 31 -7.20 -8.25 -20.62
C LYS C 31 -7.21 -6.73 -20.53
N ALA C 32 -6.63 -6.19 -19.46
CA ALA C 32 -6.54 -4.74 -19.27
C ALA C 32 -5.60 -4.11 -20.28
N LEU C 33 -4.45 -4.75 -20.50
CA LEU C 33 -3.46 -4.24 -21.46
C LEU C 33 -3.90 -4.40 -22.90
N THR C 34 -4.58 -5.50 -23.20
CA THR C 34 -5.19 -5.71 -24.52
C THR C 34 -6.23 -4.63 -24.79
N THR C 35 -7.09 -4.40 -23.81
CA THR C 35 -8.14 -3.41 -23.97
C THR C 35 -7.53 -2.03 -24.25
N LEU C 36 -6.50 -1.68 -23.49
CA LEU C 36 -5.84 -0.38 -23.64
C LEU C 36 -5.11 -0.23 -24.97
N CYS C 37 -4.50 -1.32 -25.44
CA CYS C 37 -3.83 -1.39 -26.75
C CYS C 37 -4.81 -1.16 -27.90
N ASP C 38 -5.93 -1.89 -27.85
CA ASP C 38 -7.02 -1.72 -28.80
C ASP C 38 -7.61 -0.30 -28.77
N LEU C 39 -7.85 0.24 -27.58
CA LEU C 39 -8.38 1.60 -27.45
C LEU C 39 -7.41 2.63 -28.02
N ALA C 40 -6.15 2.54 -27.64
CA ALA C 40 -5.15 3.51 -28.08
C ALA C 40 -5.02 3.56 -29.59
N ASP C 41 -4.99 2.39 -30.23
CA ASP C 41 -4.90 2.28 -31.70
C ASP C 41 -6.01 3.04 -32.41
N ARG C 42 -7.23 2.91 -31.90
CA ARG C 42 -8.36 3.65 -32.43
C ARG C 42 -8.29 5.16 -32.13
N GLU C 43 -7.87 5.52 -30.93
CA GLU C 43 -7.66 6.93 -30.61
C GLU C 43 -6.60 7.60 -31.48
N LEU C 44 -5.59 6.82 -31.86
CA LEU C 44 -4.46 7.39 -32.57
C LEU C 44 -4.82 7.73 -34.00
N VAL C 45 -5.67 6.89 -34.60
CA VAL C 45 -6.25 7.19 -35.91
C VAL C 45 -6.93 8.57 -35.88
N VAL C 46 -7.76 8.85 -34.87
CA VAL C 46 -8.51 10.10 -34.83
C VAL C 46 -7.65 11.31 -34.44
N ILE C 47 -6.55 11.06 -33.72
CA ILE C 47 -5.61 12.09 -33.29
C ILE C 47 -4.80 12.65 -34.47
N ILE C 48 -4.48 11.80 -35.45
CA ILE C 48 -3.81 12.27 -36.66
C ILE C 48 -4.71 13.25 -37.44
N GLY C 49 -5.98 12.87 -37.60
CA GLY C 49 -6.98 13.73 -38.26
C GLY C 49 -7.20 15.01 -37.46
N TRP C 50 -7.31 14.88 -36.13
CA TRP C 50 -7.46 16.02 -35.23
C TRP C 50 -6.31 17.02 -35.37
N ALA C 51 -5.09 16.52 -35.37
CA ALA C 51 -3.89 17.37 -35.47
C ALA C 51 -3.88 18.26 -36.73
N LYS C 52 -4.54 17.83 -37.80
CA LYS C 52 -4.58 18.63 -39.03
C LYS C 52 -5.60 19.79 -39.00
N HIS C 53 -6.43 19.83 -37.95
CA HIS C 53 -7.26 21.00 -37.60
C HIS C 53 -6.48 22.09 -36.85
N ILE C 54 -5.28 21.79 -36.38
CA ILE C 54 -4.51 22.76 -35.60
C ILE C 54 -3.83 23.67 -36.60
N PRO C 55 -4.09 24.99 -36.51
CA PRO C 55 -3.63 25.85 -37.60
C PRO C 55 -2.10 25.85 -37.70
N GLY C 56 -1.57 25.58 -38.89
CA GLY C 56 -0.12 25.48 -39.12
C GLY C 56 0.41 24.07 -39.27
N PHE C 57 -0.27 23.10 -38.68
CA PHE C 57 0.17 21.70 -38.69
C PHE C 57 0.09 21.06 -40.08
N SER C 58 -0.98 21.32 -40.82
CA SER C 58 -1.11 20.76 -42.16
C SER C 58 -0.05 21.25 -43.13
N THR C 59 0.54 22.41 -42.86
CA THR C 59 1.59 22.96 -43.72
C THR C 59 2.98 22.59 -43.22
N LEU C 60 3.08 21.77 -42.18
CA LEU C 60 4.37 21.27 -41.76
C LEU C 60 4.84 20.18 -42.70
N SER C 61 6.14 20.01 -42.73
CA SER C 61 6.76 18.85 -43.36
C SER C 61 6.13 17.57 -42.81
N LEU C 62 5.91 16.60 -43.69
CA LEU C 62 5.42 15.28 -43.29
C LEU C 62 6.32 14.65 -42.22
N ALA C 63 7.61 14.97 -42.28
CA ALA C 63 8.60 14.53 -41.29
C ALA C 63 8.42 15.23 -39.93
N ASP C 64 8.12 16.52 -39.97
CA ASP C 64 7.91 17.32 -38.77
C ASP C 64 6.59 16.98 -38.13
N GLN C 65 5.57 16.74 -38.96
CA GLN C 65 4.28 16.26 -38.46
C GLN C 65 4.48 14.95 -37.67
N MET C 66 5.26 14.04 -38.25
N MET C 66 5.28 14.06 -38.24
CA MET C 66 5.64 12.78 -37.61
CA MET C 66 5.62 12.79 -37.59
C MET C 66 6.43 12.99 -36.32
C MET C 66 6.46 12.96 -36.32
N SER C 67 7.39 13.93 -36.34
CA SER C 67 8.24 14.20 -35.20
C SER C 67 7.43 14.71 -34.01
N LEU C 68 6.51 15.64 -34.27
CA LEU C 68 5.65 16.18 -33.24
C LEU C 68 4.77 15.12 -32.62
N LEU C 69 4.20 14.26 -33.47
CA LEU C 69 3.32 13.19 -33.00
C LEU C 69 4.07 12.15 -32.21
N GLN C 70 5.23 11.75 -32.73
N GLN C 70 5.25 11.77 -32.70
CA GLN C 70 6.19 10.85 -32.06
CA GLN C 70 6.11 10.81 -32.02
C GLN C 70 6.47 11.29 -30.62
C GLN C 70 6.47 11.28 -30.61
N SER C 71 6.71 12.58 -30.45
CA SER C 71 7.08 13.13 -29.15
C SER C 71 5.89 13.35 -28.24
N ALA C 72 4.72 13.61 -28.80
CA ALA C 72 3.58 14.07 -28.00
C ALA C 72 2.41 13.08 -27.86
N TRP C 73 2.42 11.97 -28.60
CA TRP C 73 1.22 11.10 -28.69
C TRP C 73 0.73 10.59 -27.32
N MET C 74 1.64 10.18 -26.46
CA MET C 74 1.25 9.71 -25.11
C MET C 74 0.70 10.84 -24.23
N GLU C 75 1.32 12.01 -24.28
CA GLU C 75 0.73 13.21 -23.64
C GLU C 75 -0.73 13.47 -24.05
N ILE C 76 -1.00 13.37 -25.36
CA ILE C 76 -2.32 13.65 -25.88
C ILE C 76 -3.32 12.59 -25.45
N LEU C 77 -2.92 11.33 -25.49
CA LEU C 77 -3.77 10.24 -24.97
C LEU C 77 -4.07 10.45 -23.50
N ILE C 78 -3.02 10.73 -22.71
CA ILE C 78 -3.15 10.87 -21.27
C ILE C 78 -4.01 12.07 -20.85
N LEU C 79 -3.77 13.20 -21.49
CA LEU C 79 -4.55 14.40 -21.19
C LEU C 79 -6.02 14.18 -21.50
N GLY C 80 -6.31 13.41 -22.55
CA GLY C 80 -7.68 12.96 -22.81
C GLY C 80 -8.29 12.17 -21.65
N VAL C 81 -7.54 11.19 -21.13
CA VAL C 81 -8.01 10.38 -20.00
C VAL C 81 -8.27 11.27 -18.79
N VAL C 82 -7.29 12.13 -18.51
CA VAL C 82 -7.41 13.15 -17.46
C VAL C 82 -8.68 13.99 -17.57
N TYR C 83 -8.94 14.54 -18.76
CA TYR C 83 -10.10 15.40 -18.92
C TYR C 83 -11.42 14.66 -18.69
N ARG C 84 -11.51 13.43 -19.18
CA ARG C 84 -12.72 12.58 -19.00
C ARG C 84 -12.98 12.21 -17.53
N SER C 85 -11.92 12.27 -16.73
CA SER C 85 -12.00 11.84 -15.33
C SER C 85 -12.30 12.98 -14.35
N LEU C 86 -12.40 14.22 -14.83
CA LEU C 86 -12.59 15.37 -13.95
C LEU C 86 -13.74 15.27 -12.96
N SER C 87 -14.87 14.73 -13.42
CA SER C 87 -16.07 14.61 -12.58
C SER C 87 -16.08 13.33 -11.72
N PHE C 88 -15.04 12.52 -11.86
CA PHE C 88 -14.99 11.23 -11.19
C PHE C 88 -14.11 11.32 -9.97
N GLU C 89 -14.03 10.23 -9.22
CA GLU C 89 -13.35 10.17 -7.95
C GLU C 89 -12.44 8.96 -7.91
N ASP C 90 -11.13 9.18 -7.99
CA ASP C 90 -10.14 8.08 -7.89
C ASP C 90 -10.30 7.01 -8.98
N GLU C 91 -10.95 7.39 -10.07
CA GLU C 91 -11.19 6.53 -11.24
C GLU C 91 -10.67 7.25 -12.47
N LEU C 92 -10.21 6.47 -13.43
CA LEU C 92 -9.74 7.01 -14.70
C LEU C 92 -10.65 6.51 -15.80
N VAL C 93 -11.13 7.46 -16.60
CA VAL C 93 -12.10 7.22 -17.68
C VAL C 93 -11.35 7.18 -18.99
N TYR C 94 -10.77 6.02 -19.26
CA TYR C 94 -10.17 5.73 -20.56
C TYR C 94 -11.22 5.87 -21.65
N ALA C 95 -12.41 5.35 -21.35
CA ALA C 95 -13.59 5.43 -22.19
C ALA C 95 -14.81 5.35 -21.28
N ASP C 96 -15.99 5.60 -21.84
CA ASP C 96 -17.25 5.55 -21.09
C ASP C 96 -17.55 4.13 -20.67
N ASP C 97 -17.11 3.18 -21.47
CA ASP C 97 -17.26 1.76 -21.19
C ASP C 97 -15.97 1.13 -20.64
N TYR C 98 -15.05 1.96 -20.16
CA TYR C 98 -13.84 1.44 -19.54
C TYR C 98 -13.30 2.42 -18.51
N ILE C 99 -13.70 2.19 -17.26
CA ILE C 99 -13.32 3.04 -16.13
C ILE C 99 -12.48 2.20 -15.16
N MET C 100 -11.29 2.69 -14.85
CA MET C 100 -10.34 1.95 -14.01
C MET C 100 -10.17 2.57 -12.62
N ASP C 101 -10.52 1.81 -11.59
CA ASP C 101 -10.27 2.19 -10.19
C ASP C 101 -8.90 1.68 -9.73
N GLU C 102 -8.60 1.80 -8.43
CA GLU C 102 -7.23 1.56 -7.93
C GLU C 102 -6.81 0.08 -7.95
N ASP C 103 -7.70 -0.81 -7.53
CA ASP C 103 -7.44 -2.26 -7.60
C ASP C 103 -7.19 -2.71 -9.03
N GLN C 104 -8.01 -2.15 -9.94
CA GLN C 104 -7.91 -2.45 -11.35
C GLN C 104 -6.56 -1.98 -11.92
N SER C 105 -6.18 -0.73 -11.63
CA SER C 105 -4.83 -0.21 -11.97
C SER C 105 -3.71 -1.12 -11.46
N LYS C 106 -3.89 -1.66 -10.26
CA LYS C 106 -2.89 -2.51 -9.62
C LYS C 106 -2.81 -3.88 -10.33
N LEU C 107 -3.96 -4.48 -10.60
CA LEU C 107 -4.02 -5.68 -11.45
C LEU C 107 -3.35 -5.48 -12.84
N ALA C 108 -3.44 -4.29 -13.39
CA ALA C 108 -2.85 -4.01 -14.70
C ALA C 108 -1.35 -3.66 -14.67
N GLY C 109 -0.75 -3.58 -13.48
CA GLY C 109 0.64 -3.12 -13.33
C GLY C 109 0.81 -1.62 -13.58
N LEU C 110 -0.25 -0.86 -13.31
CA LEU C 110 -0.34 0.54 -13.72
C LEU C 110 -0.48 1.56 -12.58
N LEU C 111 -0.33 1.11 -11.34
CA LEU C 111 -0.62 1.95 -10.18
C LEU C 111 0.19 3.23 -10.13
N ASP C 112 1.49 3.13 -10.36
CA ASP C 112 2.35 4.31 -10.28
C ASP C 112 1.97 5.33 -11.34
N LEU C 113 1.86 4.90 -12.60
CA LEU C 113 1.38 5.78 -13.67
C LEU C 113 0.03 6.41 -13.34
N ASN C 114 -0.94 5.58 -12.97
CA ASN C 114 -2.29 6.06 -12.77
C ASN C 114 -2.46 6.99 -11.55
N ASN C 115 -1.68 6.74 -10.50
CA ASN C 115 -1.61 7.69 -9.38
C ASN C 115 -1.16 9.09 -9.80
N ALA C 116 -0.22 9.17 -10.74
CA ALA C 116 0.28 10.44 -11.25
C ALA C 116 -0.72 11.07 -12.19
N ILE C 117 -1.45 10.24 -12.91
CA ILE C 117 -2.53 10.73 -13.75
C ILE C 117 -3.64 11.28 -12.86
N LEU C 118 -3.93 10.62 -11.75
CA LEU C 118 -4.87 11.16 -10.77
C LEU C 118 -4.36 12.46 -10.11
N GLN C 119 -3.04 12.57 -9.88
CA GLN C 119 -2.42 13.85 -9.54
C GLN C 119 -2.84 14.97 -10.49
N LEU C 120 -2.80 14.69 -11.79
CA LEU C 120 -3.16 15.65 -12.84
C LEU C 120 -4.60 16.04 -12.76
N VAL C 121 -5.44 15.04 -12.57
CA VAL C 121 -6.87 15.24 -12.38
C VAL C 121 -7.13 16.14 -11.18
N LYS C 122 -6.51 15.80 -10.04
CA LYS C 122 -6.66 16.60 -8.82
C LYS C 122 -6.39 18.09 -9.06
N LYS C 123 -5.31 18.39 -9.76
CA LYS C 123 -4.92 19.78 -9.97
C LYS C 123 -5.91 20.49 -10.90
N TYR C 124 -6.35 19.82 -11.94
CA TYR C 124 -7.32 20.43 -12.86
C TYR C 124 -8.70 20.63 -12.22
N LYS C 125 -9.05 19.75 -11.28
CA LYS C 125 -10.30 19.89 -10.49
C LYS C 125 -10.32 21.16 -9.65
N SER C 126 -9.22 21.44 -8.96
CA SER C 126 -9.08 22.67 -8.15
C SER C 126 -9.06 23.92 -8.99
N MET C 127 -8.47 23.80 -10.18
CA MET C 127 -8.38 24.88 -11.13
C MET C 127 -9.71 25.12 -11.85
N LYS C 128 -10.58 24.10 -11.84
CA LYS C 128 -11.86 24.13 -12.56
C LYS C 128 -11.63 24.25 -14.07
N LEU C 129 -10.80 23.37 -14.61
CA LEU C 129 -10.40 23.42 -16.02
C LEU C 129 -11.61 23.32 -16.94
N GLU C 130 -11.72 24.28 -17.85
CA GLU C 130 -12.77 24.32 -18.86
C GLU C 130 -12.38 23.49 -20.09
N LYS C 131 -13.38 23.05 -20.86
CA LYS C 131 -13.11 22.28 -22.08
C LYS C 131 -12.26 23.08 -23.08
N GLU C 132 -12.53 24.39 -23.12
CA GLU C 132 -11.80 25.34 -23.95
C GLU C 132 -10.31 25.34 -23.61
N GLU C 133 -10.00 25.17 -22.33
CA GLU C 133 -8.63 25.20 -21.81
C GLU C 133 -7.93 23.87 -22.08
N PHE C 134 -8.69 22.79 -21.88
CA PHE C 134 -8.25 21.45 -22.21
C PHE C 134 -7.83 21.29 -23.68
N VAL C 135 -8.69 21.70 -24.61
CA VAL C 135 -8.39 21.51 -26.03
C VAL C 135 -7.20 22.38 -26.45
N THR C 136 -7.13 23.59 -25.92
CA THR C 136 -6.00 24.48 -26.18
C THR C 136 -4.70 23.87 -25.63
N LEU C 137 -4.78 23.32 -24.42
CA LEU C 137 -3.63 22.69 -23.79
C LEU C 137 -3.14 21.46 -24.54
N LYS C 138 -4.07 20.65 -25.02
CA LYS C 138 -3.72 19.51 -25.87
C LYS C 138 -2.93 19.94 -27.07
N ALA C 139 -3.37 21.02 -27.70
CA ALA C 139 -2.75 21.49 -28.92
C ALA C 139 -1.38 22.07 -28.61
N ILE C 140 -1.29 22.75 -27.49
CA ILE C 140 -0.01 23.31 -27.03
C ILE C 140 1.00 22.20 -26.74
N ALA C 141 0.53 21.10 -26.15
CA ALA C 141 1.39 19.94 -25.86
C ALA C 141 1.95 19.29 -27.11
N LEU C 142 1.15 19.27 -28.17
CA LEU C 142 1.61 18.73 -29.44
C LEU C 142 2.74 19.60 -29.97
N ALA C 143 2.48 20.91 -30.07
CA ALA C 143 3.45 21.86 -30.62
C ALA C 143 4.71 22.05 -29.76
N ASN C 144 4.54 22.06 -28.44
CA ASN C 144 5.64 22.25 -27.48
C ASN C 144 6.23 20.91 -27.01
N SER C 145 6.40 19.98 -27.95
CA SER C 145 6.73 18.58 -27.63
C SER C 145 8.22 18.30 -27.50
N ASP C 146 9.05 19.23 -27.96
CA ASP C 146 10.52 19.17 -27.81
C ASP C 146 11.21 18.00 -28.53
N SER C 147 10.73 17.66 -29.71
CA SER C 147 11.40 16.67 -30.55
C SER C 147 12.82 17.12 -30.94
N MET C 148 13.73 16.16 -31.00
CA MET C 148 15.11 16.46 -31.36
C MET C 148 15.33 16.51 -32.86
N HIS C 149 14.25 16.32 -33.65
CA HIS C 149 14.37 16.06 -35.08
C HIS C 149 13.56 17.01 -35.97
N ILE C 150 13.37 18.24 -35.53
CA ILE C 150 12.57 19.21 -36.29
C ILE C 150 13.37 19.84 -37.42
N GLU C 151 12.80 19.80 -38.62
CA GLU C 151 13.38 20.43 -39.80
C GLU C 151 13.14 21.94 -39.78
N ASP C 152 11.87 22.35 -39.85
CA ASP C 152 11.51 23.77 -39.88
C ASP C 152 11.25 24.26 -38.46
N VAL C 153 12.33 24.52 -37.74
CA VAL C 153 12.24 24.95 -36.33
C VAL C 153 11.43 26.24 -36.15
N GLU C 154 11.61 27.19 -37.06
N GLU C 154 11.65 27.21 -37.05
CA GLU C 154 10.89 28.47 -36.98
CA GLU C 154 10.89 28.48 -37.03
C GLU C 154 9.39 28.28 -37.13
C GLU C 154 9.38 28.25 -37.11
N ALA C 155 8.97 27.40 -38.05
CA ALA C 155 7.54 27.09 -38.25
C ALA C 155 6.89 26.42 -37.04
N VAL C 156 7.64 25.58 -36.35
CA VAL C 156 7.14 24.94 -35.13
C VAL C 156 7.04 25.96 -33.99
N GLN C 157 8.04 26.84 -33.87
CA GLN C 157 7.97 27.97 -32.95
C GLN C 157 6.71 28.82 -33.19
N LYS C 158 6.47 29.16 -34.46
CA LYS C 158 5.35 30.05 -34.78
C LYS C 158 4.05 29.40 -34.43
N LEU C 159 3.95 28.10 -34.68
CA LEU C 159 2.79 27.32 -34.29
C LEU C 159 2.58 27.32 -32.77
N GLN C 160 3.67 27.25 -32.00
CA GLN C 160 3.60 27.36 -30.54
C GLN C 160 3.04 28.69 -30.09
N ASP C 161 3.50 29.77 -30.72
CA ASP C 161 3.10 31.14 -30.36
C ASP C 161 1.64 31.40 -30.69
N VAL C 162 1.16 30.84 -31.80
CA VAL C 162 -0.24 30.95 -32.20
C VAL C 162 -1.15 30.36 -31.13
N LEU C 163 -0.80 29.17 -30.65
CA LEU C 163 -1.58 28.51 -29.62
C LEU C 163 -1.45 29.21 -28.25
N HIS C 164 -0.24 29.65 -27.90
CA HIS C 164 -0.01 30.36 -26.64
C HIS C 164 -0.77 31.69 -26.63
N GLU C 165 -0.64 32.43 -27.72
CA GLU C 165 -1.42 33.65 -27.95
C GLU C 165 -2.92 33.41 -27.76
N ALA C 166 -3.43 32.31 -28.32
CA ALA C 166 -4.85 31.96 -28.20
C ALA C 166 -5.24 31.65 -26.74
N LEU C 167 -4.47 30.80 -26.07
CA LEU C 167 -4.70 30.53 -24.65
C LEU C 167 -4.72 31.84 -23.84
N GLN C 168 -3.71 32.68 -24.04
CA GLN C 168 -3.62 33.90 -23.26
C GLN C 168 -4.79 34.84 -23.52
N ASP C 169 -5.26 34.88 -24.76
CA ASP C 169 -6.39 35.74 -25.13
C ASP C 169 -7.66 35.24 -24.44
N TYR C 170 -7.92 33.95 -24.57
CA TYR C 170 -9.06 33.30 -23.90
C TYR C 170 -9.13 33.65 -22.42
N GLU C 171 -7.99 33.52 -21.75
CA GLU C 171 -7.92 33.73 -20.31
C GLU C 171 -8.14 35.18 -19.91
N ALA C 172 -7.72 36.11 -20.76
CA ALA C 172 -7.86 37.54 -20.46
C ALA C 172 -9.31 38.02 -20.61
N GLY C 173 -10.02 37.48 -21.59
CA GLY C 173 -11.45 37.77 -21.72
C GLY C 173 -12.30 37.03 -20.69
N GLN C 174 -12.02 35.75 -20.51
CA GLN C 174 -12.90 34.87 -19.72
C GLN C 174 -12.56 34.77 -18.24
N HIS C 175 -11.31 35.03 -17.87
CA HIS C 175 -10.86 34.96 -16.48
C HIS C 175 -10.05 36.18 -16.04
N MET C 176 -10.71 37.31 -15.94
CA MET C 176 -10.10 38.53 -15.44
C MET C 176 -9.94 38.49 -13.91
N GLU C 177 -10.68 37.60 -13.26
CA GLU C 177 -10.58 37.43 -11.81
C GLU C 177 -9.21 36.85 -11.43
N ASP C 178 -8.67 36.01 -12.31
CA ASP C 178 -7.30 35.52 -12.18
C ASP C 178 -6.48 35.89 -13.42
N PRO C 179 -5.73 37.01 -13.34
CA PRO C 179 -4.90 37.48 -14.46
C PRO C 179 -3.66 36.62 -14.74
N ARG C 180 -3.37 35.66 -13.85
CA ARG C 180 -2.29 34.69 -14.05
C ARG C 180 -2.75 33.25 -14.39
N ARG C 181 -4.01 33.09 -14.76
CA ARG C 181 -4.55 31.76 -15.00
C ARG C 181 -3.93 31.04 -16.20
N ALA C 182 -3.52 31.79 -17.25
CA ALA C 182 -2.82 31.20 -18.40
C ALA C 182 -1.51 30.53 -17.98
N GLY C 183 -0.75 31.19 -17.11
CA GLY C 183 0.52 30.67 -16.62
C GLY C 183 0.36 29.49 -15.70
N LYS C 184 -0.68 29.53 -14.86
CA LYS C 184 -1.05 28.36 -14.04
C LYS C 184 -1.35 27.16 -14.90
N MET C 185 -2.06 27.39 -16.01
CA MET C 185 -2.40 26.33 -16.96
C MET C 185 -1.14 25.72 -17.61
N LEU C 186 -0.26 26.59 -18.09
CA LEU C 186 1.04 26.16 -18.62
C LEU C 186 1.91 25.41 -17.60
N MET C 187 1.77 25.75 -16.31
CA MET C 187 2.58 25.10 -15.24
C MET C 187 2.13 23.67 -14.92
N THR C 188 1.01 23.26 -15.46
CA THR C 188 0.53 21.89 -15.34
C THR C 188 1.15 20.96 -16.39
N LEU C 189 1.84 21.53 -17.37
CA LEU C 189 2.39 20.74 -18.48
C LEU C 189 3.60 19.90 -18.09
N PRO C 190 4.46 20.39 -17.18
CA PRO C 190 5.54 19.56 -16.68
C PRO C 190 5.13 18.20 -16.08
N LEU C 191 4.03 18.13 -15.32
CA LEU C 191 3.57 16.84 -14.79
C LEU C 191 3.04 15.90 -15.89
N LEU C 192 2.47 16.48 -16.94
CA LEU C 192 2.04 15.72 -18.09
C LEU C 192 3.23 15.10 -18.84
N ARG C 193 4.29 15.89 -19.01
CA ARG C 193 5.54 15.45 -19.63
C ARG C 193 6.16 14.32 -18.83
N GLN C 194 6.28 14.54 -17.52
CA GLN C 194 6.81 13.56 -16.58
C GLN C 194 6.07 12.23 -16.68
N THR C 195 4.75 12.30 -16.56
CA THR C 195 3.88 11.14 -16.56
C THR C 195 3.91 10.42 -17.90
N SER C 196 3.95 11.20 -18.98
CA SER C 196 4.00 10.62 -20.32
C SER C 196 5.35 9.94 -20.56
N THR C 197 6.41 10.58 -20.10
CA THR C 197 7.76 10.02 -20.18
C THR C 197 7.86 8.66 -19.50
N LYS C 198 7.29 8.55 -18.31
CA LYS C 198 7.26 7.28 -17.59
C LYS C 198 6.37 6.27 -18.27
N ALA C 199 5.25 6.72 -18.84
CA ALA C 199 4.33 5.82 -19.52
C ALA C 199 4.94 5.21 -20.79
N VAL C 200 5.66 6.02 -21.57
CA VAL C 200 6.31 5.56 -22.79
C VAL C 200 7.50 4.62 -22.48
N GLN C 201 8.17 4.87 -21.37
CA GLN C 201 9.22 3.94 -20.94
C GLN C 201 8.63 2.60 -20.54
N HIS C 202 7.55 2.63 -19.80
CA HIS C 202 6.83 1.41 -19.42
C HIS C 202 6.29 0.69 -20.67
N PHE C 203 5.74 1.45 -21.59
CA PHE C 203 5.25 0.98 -22.90
C PHE C 203 6.25 0.11 -23.64
N TYR C 204 7.50 0.55 -23.68
CA TYR C 204 8.57 -0.19 -24.36
C TYR C 204 9.16 -1.30 -23.52
N ASN C 205 9.18 -1.13 -22.20
CA ASN C 205 9.66 -2.17 -21.29
C ASN C 205 8.86 -3.45 -21.47
N ILE C 206 7.54 -3.32 -21.51
CA ILE C 206 6.65 -4.47 -21.67
C ILE C 206 6.24 -4.67 -23.14
N LYS C 207 6.69 -3.77 -24.01
CA LYS C 207 6.81 -4.01 -25.45
C LYS C 207 5.48 -4.05 -26.20
N LEU C 208 4.62 -3.08 -25.92
CA LEU C 208 3.27 -3.06 -26.50
C LEU C 208 3.19 -2.57 -27.94
N GLU C 209 4.28 -2.00 -28.47
CA GLU C 209 4.31 -1.60 -29.87
C GLU C 209 4.13 -2.81 -30.81
N GLY C 210 4.48 -3.99 -30.31
CA GLY C 210 4.38 -5.21 -31.11
C GLY C 210 5.35 -5.17 -32.27
N LYS C 211 4.90 -5.72 -33.41
CA LYS C 211 5.79 -5.91 -34.57
C LYS C 211 6.09 -4.62 -35.35
N VAL C 212 5.19 -3.65 -35.30
CA VAL C 212 5.36 -2.41 -36.08
C VAL C 212 5.71 -1.20 -35.20
N PRO C 213 6.86 -0.55 -35.47
CA PRO C 213 7.21 0.67 -34.71
C PRO C 213 6.20 1.80 -34.90
N MET C 214 6.17 2.72 -33.94
CA MET C 214 5.22 3.85 -33.97
C MET C 214 5.49 4.79 -35.15
N HIS C 215 6.77 4.98 -35.48
CA HIS C 215 7.16 5.76 -36.65
C HIS C 215 6.44 5.23 -37.90
N LYS C 216 6.47 3.92 -38.08
CA LYS C 216 5.83 3.28 -39.21
C LYS C 216 4.31 3.49 -39.16
N LEU C 217 3.73 3.36 -37.97
CA LEU C 217 2.29 3.55 -37.77
C LEU C 217 1.81 4.96 -38.09
N PHE C 218 2.53 5.95 -37.59
CA PHE C 218 2.17 7.35 -37.84
C PHE C 218 2.29 7.71 -39.31
N LEU C 219 3.32 7.18 -39.96
CA LEU C 219 3.49 7.39 -41.39
C LEU C 219 2.30 6.80 -42.13
N GLU C 220 1.97 5.54 -41.81
CA GLU C 220 0.79 4.88 -42.37
C GLU C 220 -0.48 5.73 -42.15
N MET C 221 -0.68 6.18 -40.91
CA MET C 221 -1.88 6.96 -40.56
C MET C 221 -1.89 8.37 -41.19
N LEU C 222 -0.72 8.95 -41.45
CA LEU C 222 -0.62 10.27 -42.11
C LEU C 222 -0.71 10.18 -43.62
N GLU C 223 -0.66 8.96 -44.16
CA GLU C 223 -0.65 8.70 -45.61
C GLU C 223 -2.06 8.35 -46.10
N ALA C 224 -2.72 7.47 -45.34
CA ALA C 224 -4.12 7.08 -45.58
C ALA C 224 -5.03 8.27 -45.29
N ASN D 3 11.72 44.46 -8.15
CA ASN D 3 11.02 43.25 -7.65
C ASN D 3 11.72 42.71 -6.41
N LYS D 4 11.00 42.65 -5.29
N LYS D 4 11.02 42.71 -5.27
CA LYS D 4 11.59 42.29 -4.00
CA LYS D 4 11.58 42.27 -3.98
C LYS D 4 11.99 40.81 -3.97
C LYS D 4 12.04 40.82 -4.04
N ILE D 5 11.23 39.98 -4.68
CA ILE D 5 11.50 38.54 -4.75
C ILE D 5 12.65 38.21 -5.72
N VAL D 6 12.62 38.77 -6.92
CA VAL D 6 13.73 38.61 -7.86
C VAL D 6 15.05 39.10 -7.25
N SER D 7 15.02 40.29 -6.64
CA SER D 7 16.19 40.80 -5.92
C SER D 7 16.66 39.82 -4.86
N HIS D 8 15.71 39.37 -4.03
CA HIS D 8 15.99 38.40 -2.98
C HIS D 8 16.67 37.16 -3.54
N LEU D 9 16.05 36.57 -4.56
CA LEU D 9 16.55 35.33 -5.16
C LEU D 9 17.97 35.48 -5.69
N LEU D 10 18.25 36.62 -6.33
CA LEU D 10 19.58 36.87 -6.86
C LEU D 10 20.66 36.81 -5.78
N VAL D 11 20.41 37.48 -4.65
CA VAL D 11 21.38 37.49 -3.56
C VAL D 11 21.43 36.13 -2.84
N ALA D 12 20.32 35.39 -2.92
CA ALA D 12 20.21 34.08 -2.29
C ALA D 12 20.93 32.97 -3.04
N GLU D 13 21.34 33.25 -4.27
CA GLU D 13 22.10 32.27 -5.06
C GLU D 13 23.27 31.64 -4.32
N PRO D 14 23.42 30.30 -4.42
CA PRO D 14 24.57 29.65 -3.78
C PRO D 14 25.91 30.10 -4.35
N GLU D 15 26.95 29.83 -3.59
CA GLU D 15 28.30 30.14 -3.99
C GLU D 15 28.73 29.09 -5.02
N LYS D 16 29.67 29.50 -5.89
CA LYS D 16 30.36 28.59 -6.81
C LYS D 16 30.87 27.36 -6.06
N ILE D 17 30.62 26.19 -6.62
CA ILE D 17 31.17 24.95 -6.09
C ILE D 17 32.04 24.41 -7.21
N TYR D 18 33.13 23.75 -6.83
CA TYR D 18 34.05 23.17 -7.78
C TYR D 18 33.99 21.65 -7.69
N ALA D 19 34.10 20.97 -8.83
CA ALA D 19 33.98 19.52 -8.86
C ALA D 19 35.20 18.84 -8.25
N MET D 20 36.35 19.50 -8.38
CA MET D 20 37.65 19.01 -7.89
C MET D 20 37.83 17.52 -8.18
N PRO D 21 37.94 17.17 -9.47
CA PRO D 21 38.06 15.74 -9.76
C PRO D 21 39.34 15.19 -9.16
N ASP D 22 39.27 14.00 -8.57
CA ASP D 22 40.44 13.37 -7.98
C ASP D 22 41.50 13.22 -9.07
N PRO D 23 42.58 14.01 -8.98
CA PRO D 23 43.56 13.99 -10.07
C PRO D 23 44.38 12.70 -10.10
N THR D 24 44.15 11.84 -9.11
CA THR D 24 44.88 10.59 -8.97
C THR D 24 44.14 9.40 -9.58
N VAL D 25 43.25 9.67 -10.52
CA VAL D 25 42.49 8.62 -11.21
C VAL D 25 42.37 8.96 -12.70
N PRO D 26 42.76 8.02 -13.58
CA PRO D 26 42.69 8.35 -15.01
C PRO D 26 41.27 8.26 -15.54
N ASP D 27 40.97 9.14 -16.50
CA ASP D 27 39.61 9.27 -17.07
C ASP D 27 38.99 7.93 -17.48
N SER D 28 37.70 7.78 -17.19
CA SER D 28 36.97 6.56 -17.50
C SER D 28 35.46 6.77 -17.34
N ASP D 29 34.69 5.74 -17.70
CA ASP D 29 33.25 5.72 -17.40
C ASP D 29 32.99 6.02 -15.92
N ILE D 30 33.80 5.42 -15.06
CA ILE D 30 33.56 5.42 -13.63
C ILE D 30 34.06 6.69 -12.96
N LYS D 31 35.13 7.28 -13.51
CA LYS D 31 35.65 8.53 -12.93
C LYS D 31 34.63 9.65 -13.02
N ALA D 32 33.95 9.74 -14.17
CA ALA D 32 32.94 10.79 -14.40
C ALA D 32 31.80 10.68 -13.42
N LEU D 33 31.42 9.45 -13.08
CA LEU D 33 30.32 9.22 -12.14
C LEU D 33 30.72 9.57 -10.69
N THR D 34 31.96 9.23 -10.32
CA THR D 34 32.50 9.59 -9.00
C THR D 34 32.55 11.11 -8.84
N THR D 35 33.15 11.77 -9.83
CA THR D 35 33.19 13.23 -9.88
C THR D 35 31.78 13.83 -9.71
N LEU D 36 30.82 13.32 -10.47
CA LEU D 36 29.44 13.82 -10.40
C LEU D 36 28.78 13.52 -9.05
N CYS D 37 29.01 12.33 -8.49
CA CYS D 37 28.45 11.97 -7.18
C CYS D 37 28.96 12.88 -6.06
N ASP D 38 30.27 13.14 -6.09
CA ASP D 38 30.88 14.04 -5.12
C ASP D 38 30.43 15.49 -5.28
N LEU D 39 30.49 15.99 -6.50
CA LEU D 39 30.00 17.33 -6.79
C LEU D 39 28.54 17.48 -6.40
N ALA D 40 27.72 16.49 -6.73
CA ALA D 40 26.31 16.52 -6.38
C ALA D 40 26.08 16.62 -4.89
N ASP D 41 26.82 15.85 -4.11
CA ASP D 41 26.59 15.81 -2.66
C ASP D 41 26.84 17.15 -2.00
N ARG D 42 27.86 17.86 -2.47
CA ARG D 42 28.17 19.19 -1.96
C ARG D 42 27.19 20.25 -2.47
N GLU D 43 26.72 20.11 -3.71
CA GLU D 43 25.70 21.01 -4.22
C GLU D 43 24.41 20.87 -3.42
N LEU D 44 24.09 19.64 -3.06
CA LEU D 44 22.87 19.37 -2.35
C LEU D 44 22.83 20.01 -0.98
N VAL D 45 23.96 20.05 -0.30
CA VAL D 45 24.05 20.73 0.98
C VAL D 45 23.63 22.19 0.83
N VAL D 46 24.24 22.91 -0.10
CA VAL D 46 23.93 24.34 -0.33
C VAL D 46 22.56 24.62 -1.00
N ILE D 47 22.01 23.64 -1.73
CA ILE D 47 20.64 23.78 -2.29
C ILE D 47 19.58 23.87 -1.17
N ILE D 48 19.81 23.15 -0.09
CA ILE D 48 18.92 23.16 1.07
C ILE D 48 18.92 24.50 1.81
N GLY D 49 20.10 25.06 2.04
CA GLY D 49 20.20 26.42 2.58
C GLY D 49 19.58 27.43 1.65
N TRP D 50 19.74 27.20 0.34
CA TRP D 50 19.19 28.07 -0.68
C TRP D 50 17.67 28.13 -0.59
N ALA D 51 17.04 26.97 -0.47
CA ALA D 51 15.57 26.89 -0.42
C ALA D 51 14.99 27.72 0.73
N LYS D 52 15.65 27.66 1.87
CA LYS D 52 15.30 28.45 3.05
C LYS D 52 15.33 29.95 2.78
N HIS D 53 16.09 30.38 1.77
CA HIS D 53 16.12 31.80 1.39
C HIS D 53 14.95 32.19 0.52
N ILE D 54 14.25 31.21 -0.05
CA ILE D 54 13.09 31.50 -0.88
C ILE D 54 11.92 31.97 -0.02
N PRO D 55 11.36 33.15 -0.34
CA PRO D 55 10.19 33.65 0.39
C PRO D 55 9.00 32.67 0.42
N GLY D 56 8.52 32.36 1.62
CA GLY D 56 7.38 31.49 1.79
C GLY D 56 7.72 30.02 2.00
N PHE D 57 8.93 29.62 1.68
CA PHE D 57 9.33 28.22 1.78
C PHE D 57 9.44 27.73 3.24
N SER D 58 10.06 28.54 4.10
CA SER D 58 10.25 28.15 5.49
C SER D 58 8.99 28.22 6.32
N THR D 59 7.94 28.85 5.79
CA THR D 59 6.65 28.91 6.48
C THR D 59 5.79 27.72 6.09
N LEU D 60 6.25 26.88 5.16
CA LEU D 60 5.68 25.56 4.94
C LEU D 60 6.06 24.62 6.08
N SER D 61 5.28 23.56 6.26
CA SER D 61 5.58 22.55 7.28
C SER D 61 6.89 21.89 6.94
N LEU D 62 7.51 21.24 7.92
CA LEU D 62 8.75 20.51 7.65
C LEU D 62 8.53 19.37 6.63
N ALA D 63 7.38 18.71 6.72
CA ALA D 63 7.00 17.65 5.78
C ALA D 63 6.93 18.15 4.34
N ASP D 64 6.29 19.29 4.14
CA ASP D 64 6.19 19.86 2.81
C ASP D 64 7.51 20.47 2.34
N GLN D 65 8.29 21.06 3.25
CA GLN D 65 9.66 21.42 2.88
C GLN D 65 10.45 20.22 2.37
N MET D 66 10.36 19.10 3.09
CA MET D 66 11.00 17.84 2.70
C MET D 66 10.48 17.27 1.39
N SER D 67 9.18 17.35 1.21
CA SER D 67 8.55 16.80 0.01
C SER D 67 9.00 17.49 -1.27
N LEU D 68 9.01 18.83 -1.25
CA LEU D 68 9.41 19.61 -2.43
C LEU D 68 10.86 19.39 -2.82
N LEU D 69 11.74 19.42 -1.82
CA LEU D 69 13.17 19.19 -2.05
C LEU D 69 13.50 17.80 -2.58
N GLN D 70 12.83 16.78 -2.04
CA GLN D 70 13.01 15.41 -2.55
C GLN D 70 12.51 15.21 -3.99
N SER D 71 11.48 15.95 -4.36
CA SER D 71 10.93 15.91 -5.72
C SER D 71 11.78 16.73 -6.68
N ALA D 72 12.41 17.79 -6.19
CA ALA D 72 12.99 18.82 -7.07
C ALA D 72 14.49 18.77 -7.25
N TRP D 73 15.21 18.06 -6.37
CA TRP D 73 16.65 18.27 -6.30
C TRP D 73 17.38 17.97 -7.62
N MET D 74 17.01 16.91 -8.32
CA MET D 74 17.67 16.57 -9.58
C MET D 74 17.45 17.68 -10.63
N GLU D 75 16.23 18.17 -10.68
CA GLU D 75 15.85 19.25 -11.58
C GLU D 75 16.61 20.56 -11.33
N ILE D 76 16.89 20.84 -10.06
CA ILE D 76 17.60 22.06 -9.68
C ILE D 76 19.09 21.91 -9.99
N LEU D 77 19.64 20.74 -9.72
CA LEU D 77 21.00 20.46 -10.15
C LEU D 77 21.11 20.68 -11.65
N ILE D 78 20.23 20.04 -12.41
CA ILE D 78 20.27 20.14 -13.87
C ILE D 78 20.09 21.57 -14.37
N LEU D 79 19.12 22.31 -13.86
CA LEU D 79 18.95 23.68 -14.34
C LEU D 79 20.16 24.58 -14.10
N GLY D 80 20.86 24.35 -12.97
CA GLY D 80 22.13 25.02 -12.68
C GLY D 80 23.17 24.78 -13.76
N VAL D 81 23.34 23.51 -14.13
CA VAL D 81 24.26 23.09 -15.20
C VAL D 81 23.93 23.83 -16.50
N VAL D 82 22.64 23.85 -16.84
CA VAL D 82 22.11 24.48 -18.06
C VAL D 82 22.52 25.94 -18.13
N TYR D 83 22.24 26.65 -17.05
CA TYR D 83 22.58 28.05 -16.98
C TYR D 83 24.07 28.30 -17.11
N ARG D 84 24.90 27.45 -16.48
CA ARG D 84 26.36 27.62 -16.53
C ARG D 84 26.92 27.37 -17.94
N SER D 85 26.14 26.64 -18.75
CA SER D 85 26.52 26.26 -20.10
C SER D 85 26.13 27.26 -21.21
N LEU D 86 25.38 28.31 -20.87
CA LEU D 86 24.73 29.16 -21.88
C LEU D 86 25.70 29.87 -22.82
N SER D 87 26.88 30.24 -22.35
CA SER D 87 27.87 30.87 -23.22
C SER D 87 28.94 29.88 -23.74
N PHE D 88 28.65 28.58 -23.62
CA PHE D 88 29.48 27.53 -24.18
C PHE D 88 28.70 26.84 -25.30
N GLU D 89 29.38 26.06 -26.14
CA GLU D 89 28.74 25.35 -27.24
C GLU D 89 28.95 23.83 -27.11
N ASP D 90 27.84 23.08 -27.01
CA ASP D 90 27.88 21.61 -27.03
C ASP D 90 28.62 21.04 -25.81
N GLU D 91 28.74 21.85 -24.77
CA GLU D 91 29.42 21.45 -23.54
C GLU D 91 28.54 21.74 -22.36
N LEU D 92 28.59 20.86 -21.36
CA LEU D 92 27.87 21.07 -20.12
C LEU D 92 28.83 21.43 -19.00
N VAL D 93 28.71 22.67 -18.52
CA VAL D 93 29.52 23.17 -17.43
C VAL D 93 28.90 22.73 -16.10
N TYR D 94 29.35 21.58 -15.60
CA TYR D 94 28.99 21.11 -14.26
C TYR D 94 29.64 22.02 -13.20
N ALA D 95 30.90 22.37 -13.44
CA ALA D 95 31.60 23.40 -12.67
C ALA D 95 32.61 24.10 -13.59
N ASP D 96 33.13 25.25 -13.15
CA ASP D 96 34.24 25.93 -13.86
C ASP D 96 35.39 24.98 -14.19
N ASP D 97 35.65 24.03 -13.29
CA ASP D 97 36.73 23.05 -13.43
C ASP D 97 36.24 21.67 -13.90
N TYR D 98 35.00 21.57 -14.40
CA TYR D 98 34.52 20.29 -14.92
C TYR D 98 33.45 20.46 -16.01
N ILE D 99 33.92 20.40 -17.25
CA ILE D 99 33.10 20.61 -18.44
C ILE D 99 33.16 19.37 -19.32
N MET D 100 31.99 18.89 -19.73
CA MET D 100 31.87 17.68 -20.54
C MET D 100 31.48 18.05 -21.96
N ASP D 101 32.33 17.67 -22.92
CA ASP D 101 31.94 17.65 -24.33
C ASP D 101 31.18 16.34 -24.66
N GLU D 102 30.83 16.14 -25.93
CA GLU D 102 30.03 14.99 -26.33
C GLU D 102 30.67 13.64 -26.04
N ASP D 103 31.96 13.53 -26.34
CA ASP D 103 32.67 12.27 -26.19
C ASP D 103 32.75 11.85 -24.74
N GLN D 104 32.90 12.83 -23.85
CA GLN D 104 32.93 12.58 -22.42
C GLN D 104 31.55 12.16 -21.94
N SER D 105 30.49 12.75 -22.49
CA SER D 105 29.12 12.31 -22.19
C SER D 105 28.95 10.86 -22.62
N LYS D 106 29.30 10.59 -23.87
CA LYS D 106 29.34 9.24 -24.44
C LYS D 106 30.03 8.24 -23.50
N LEU D 107 31.23 8.59 -23.03
CA LEU D 107 32.03 7.73 -22.16
C LEU D 107 31.41 7.54 -20.78
N ALA D 108 30.78 8.57 -20.26
CA ALA D 108 30.11 8.49 -18.96
C ALA D 108 28.75 7.77 -19.02
N GLY D 109 28.23 7.53 -20.21
CA GLY D 109 26.92 6.88 -20.37
C GLY D 109 25.75 7.85 -20.28
N LEU D 110 26.03 9.12 -20.53
CA LEU D 110 25.06 10.20 -20.35
C LEU D 110 24.74 10.98 -21.62
N LEU D 111 25.09 10.43 -22.78
CA LEU D 111 24.88 11.12 -24.05
C LEU D 111 23.42 11.47 -24.34
N ASP D 112 22.56 10.46 -24.35
CA ASP D 112 21.14 10.69 -24.59
C ASP D 112 20.61 11.75 -23.64
N LEU D 113 20.96 11.62 -22.35
CA LEU D 113 20.51 12.57 -21.33
C LEU D 113 21.09 13.97 -21.52
N ASN D 114 22.39 14.05 -21.78
CA ASN D 114 23.05 15.33 -21.98
C ASN D 114 22.69 16.01 -23.30
N ASN D 115 22.40 15.22 -24.33
CA ASN D 115 21.85 15.77 -25.56
C ASN D 115 20.52 16.49 -25.33
N ALA D 116 19.69 15.95 -24.43
CA ALA D 116 18.41 16.57 -24.09
C ALA D 116 18.60 17.81 -23.24
N ILE D 117 19.57 17.77 -22.32
CA ILE D 117 19.94 18.94 -21.52
C ILE D 117 20.48 20.04 -22.42
N LEU D 118 21.25 19.63 -23.44
CA LEU D 118 21.76 20.58 -24.42
C LEU D 118 20.66 21.21 -25.27
N GLN D 119 19.57 20.48 -25.53
CA GLN D 119 18.38 21.08 -26.16
C GLN D 119 17.85 22.23 -25.33
N LEU D 120 17.95 22.07 -24.00
CA LEU D 120 17.42 23.07 -23.08
C LEU D 120 18.32 24.30 -23.14
N VAL D 121 19.62 24.05 -23.09
CA VAL D 121 20.62 25.10 -23.19
C VAL D 121 20.31 25.89 -24.45
N LYS D 122 20.18 25.18 -25.56
CA LYS D 122 19.96 25.79 -26.87
C LYS D 122 18.73 26.70 -26.91
N LYS D 123 17.65 26.28 -26.25
CA LYS D 123 16.40 27.04 -26.17
C LYS D 123 16.61 28.35 -25.41
N TYR D 124 17.34 28.27 -24.30
CA TYR D 124 17.56 29.44 -23.48
C TYR D 124 18.54 30.42 -24.13
N LYS D 125 19.53 29.90 -24.87
CA LYS D 125 20.41 30.74 -25.69
C LYS D 125 19.62 31.58 -26.67
N SER D 126 18.63 30.96 -27.31
CA SER D 126 17.78 31.62 -28.29
C SER D 126 16.89 32.71 -27.71
N MET D 127 16.45 32.52 -26.48
CA MET D 127 15.65 33.49 -25.76
C MET D 127 16.50 34.50 -25.01
N LYS D 128 17.81 34.28 -24.94
CA LYS D 128 18.72 35.12 -24.16
C LYS D 128 18.32 35.18 -22.70
N LEU D 129 18.15 34.00 -22.10
CA LEU D 129 17.78 33.88 -20.69
C LEU D 129 18.68 34.75 -19.81
N GLU D 130 18.05 35.58 -18.98
CA GLU D 130 18.76 36.45 -18.05
C GLU D 130 18.84 35.76 -16.69
N LYS D 131 19.79 36.20 -15.88
CA LYS D 131 20.03 35.58 -14.57
C LYS D 131 18.81 35.68 -13.64
N GLU D 132 18.15 36.84 -13.72
CA GLU D 132 16.92 37.10 -12.97
C GLU D 132 15.83 36.09 -13.32
N GLU D 133 15.72 35.77 -14.61
CA GLU D 133 14.75 34.78 -15.09
C GLU D 133 15.13 33.38 -14.65
N PHE D 134 16.40 33.06 -14.82
CA PHE D 134 16.97 31.82 -14.32
C PHE D 134 16.64 31.58 -12.82
N VAL D 135 16.92 32.54 -11.94
CA VAL D 135 16.79 32.27 -10.49
C VAL D 135 15.32 32.10 -10.09
N THR D 136 14.47 32.89 -10.76
CA THR D 136 13.03 32.83 -10.58
C THR D 136 12.42 31.51 -11.04
N LEU D 137 12.83 31.04 -12.22
CA LEU D 137 12.37 29.75 -12.74
C LEU D 137 12.86 28.60 -11.88
N LYS D 138 14.08 28.73 -11.37
CA LYS D 138 14.65 27.72 -10.48
C LYS D 138 13.81 27.61 -9.20
N ALA D 139 13.38 28.75 -8.68
CA ALA D 139 12.51 28.79 -7.51
C ALA D 139 11.15 28.16 -7.84
N ILE D 140 10.57 28.59 -8.96
CA ILE D 140 9.34 28.00 -9.48
C ILE D 140 9.46 26.47 -9.63
N ALA D 141 10.58 26.00 -10.17
CA ALA D 141 10.80 24.57 -10.36
C ALA D 141 10.72 23.78 -9.05
N LEU D 142 11.25 24.36 -7.98
CA LEU D 142 11.12 23.77 -6.65
C LEU D 142 9.66 23.78 -6.22
N ALA D 143 9.01 24.93 -6.32
CA ALA D 143 7.61 25.08 -5.89
C ALA D 143 6.63 24.23 -6.72
N ASN D 144 6.93 24.05 -8.01
CA ASN D 144 6.06 23.33 -8.96
C ASN D 144 6.50 21.88 -9.18
N SER D 145 7.19 21.27 -8.21
CA SER D 145 7.85 19.97 -8.42
C SER D 145 6.92 18.75 -8.40
N ASP D 146 5.64 18.95 -8.10
CA ASP D 146 4.62 17.91 -8.29
C ASP D 146 4.85 16.66 -7.45
N SER D 147 5.29 16.87 -6.22
CA SER D 147 5.26 15.79 -5.23
C SER D 147 3.84 15.22 -5.06
N MET D 148 3.73 13.90 -4.92
N MET D 148 3.76 13.91 -4.91
CA MET D 148 2.46 13.27 -4.57
CA MET D 148 2.53 13.20 -4.57
C MET D 148 2.08 13.48 -3.10
C MET D 148 2.19 13.27 -3.09
N HIS D 149 3.03 13.93 -2.29
CA HIS D 149 2.90 13.83 -0.84
C HIS D 149 2.62 15.13 -0.09
N ILE D 150 2.25 16.20 -0.80
CA ILE D 150 2.01 17.48 -0.16
C ILE D 150 0.85 17.35 0.83
N GLU D 151 1.07 17.75 2.09
CA GLU D 151 0.02 17.66 3.09
C GLU D 151 -0.79 18.95 3.13
N ASP D 152 -0.14 20.08 2.86
CA ASP D 152 -0.84 21.38 2.74
C ASP D 152 -0.75 21.90 1.31
N VAL D 153 -1.64 21.37 0.46
CA VAL D 153 -1.75 21.77 -0.96
C VAL D 153 -1.91 23.28 -1.11
N GLU D 154 -2.74 23.88 -0.25
CA GLU D 154 -3.06 25.29 -0.37
C GLU D 154 -1.84 26.19 -0.14
N ALA D 155 -1.02 25.85 0.85
CA ALA D 155 0.19 26.63 1.13
C ALA D 155 1.22 26.51 0.00
N VAL D 156 1.37 25.31 -0.52
CA VAL D 156 2.28 25.06 -1.65
C VAL D 156 1.85 25.83 -2.92
N GLN D 157 0.54 25.84 -3.19
N GLN D 157 0.54 25.84 -3.22
CA GLN D 157 -0.01 26.61 -4.30
CA GLN D 157 0.01 26.67 -4.32
C GLN D 157 0.17 28.13 -4.10
C GLN D 157 0.29 28.15 -4.10
N LYS D 158 0.20 28.59 -2.85
CA LYS D 158 0.42 30.01 -2.50
C LYS D 158 1.85 30.44 -2.79
N LEU D 159 2.80 29.55 -2.49
CA LEU D 159 4.19 29.74 -2.85
C LEU D 159 4.37 29.79 -4.38
N GLN D 160 3.80 28.82 -5.08
CA GLN D 160 3.81 28.85 -6.55
C GLN D 160 3.32 30.19 -7.11
N ASP D 161 2.23 30.70 -6.57
CA ASP D 161 1.62 31.90 -7.15
C ASP D 161 2.43 33.16 -6.85
N VAL D 162 2.97 33.25 -5.63
CA VAL D 162 3.90 34.31 -5.26
C VAL D 162 5.13 34.36 -6.17
N LEU D 163 5.70 33.20 -6.46
CA LEU D 163 6.86 33.09 -7.36
C LEU D 163 6.53 33.40 -8.81
N HIS D 164 5.36 32.93 -9.27
CA HIS D 164 4.90 33.11 -10.64
C HIS D 164 4.58 34.59 -10.91
N GLU D 165 3.88 35.19 -9.96
CA GLU D 165 3.61 36.61 -9.96
C GLU D 165 4.88 37.43 -10.17
N ALA D 166 5.97 37.08 -9.51
CA ALA D 166 7.23 37.79 -9.63
C ALA D 166 7.80 37.71 -11.04
N LEU D 167 7.78 36.51 -11.61
CA LEU D 167 8.16 36.31 -13.02
C LEU D 167 7.30 37.17 -13.96
N GLN D 168 6.03 37.30 -13.64
CA GLN D 168 5.10 38.01 -14.52
C GLN D 168 5.31 39.52 -14.37
N ASP D 169 5.56 39.98 -13.14
CA ASP D 169 5.92 41.38 -12.88
C ASP D 169 7.25 41.73 -13.56
N TYR D 170 8.23 40.83 -13.43
CA TYR D 170 9.55 41.03 -14.04
C TYR D 170 9.48 41.17 -15.57
N GLU D 171 8.79 40.24 -16.21
CA GLU D 171 8.71 40.24 -17.67
C GLU D 171 7.91 41.43 -18.19
N ALA D 172 6.89 41.82 -17.42
CA ALA D 172 6.06 42.98 -17.74
C ALA D 172 6.83 44.30 -17.75
N GLY D 173 7.83 44.43 -16.88
CA GLY D 173 8.67 45.63 -16.81
C GLY D 173 9.87 45.60 -17.74
N GLN D 174 10.59 44.48 -17.74
CA GLN D 174 11.85 44.34 -18.48
C GLN D 174 11.70 43.95 -19.95
N HIS D 175 10.56 43.39 -20.32
CA HIS D 175 10.35 42.85 -21.67
C HIS D 175 8.98 43.22 -22.19
N MET D 176 8.78 44.51 -22.36
CA MET D 176 7.52 45.07 -22.85
C MET D 176 7.41 44.83 -24.36
N GLU D 177 8.54 44.53 -24.99
CA GLU D 177 8.61 44.11 -26.40
C GLU D 177 8.03 42.72 -26.67
N ASP D 178 8.02 41.84 -25.66
CA ASP D 178 7.39 40.53 -25.78
C ASP D 178 6.44 40.30 -24.61
N PRO D 179 5.14 40.62 -24.79
CA PRO D 179 4.17 40.40 -23.73
C PRO D 179 3.90 38.94 -23.39
N ARG D 180 4.46 38.01 -24.16
CA ARG D 180 4.27 36.59 -23.92
C ARG D 180 5.54 35.88 -23.46
N ARG D 181 6.53 36.64 -22.99
CA ARG D 181 7.84 36.06 -22.59
C ARG D 181 7.78 35.19 -21.33
N ALA D 182 7.05 35.62 -20.30
CA ALA D 182 6.87 34.81 -19.10
C ALA D 182 6.26 33.46 -19.45
N GLY D 183 5.21 33.49 -20.27
CA GLY D 183 4.60 32.27 -20.77
C GLY D 183 5.56 31.40 -21.56
N LYS D 184 6.38 32.03 -22.39
CA LYS D 184 7.40 31.31 -23.14
C LYS D 184 8.39 30.63 -22.21
N MET D 185 8.72 31.30 -21.10
CA MET D 185 9.66 30.76 -20.12
C MET D 185 9.07 29.57 -19.39
N LEU D 186 7.81 29.65 -18.99
CA LEU D 186 7.13 28.52 -18.34
C LEU D 186 7.00 27.32 -19.26
N MET D 187 6.89 27.58 -20.56
CA MET D 187 6.82 26.51 -21.58
C MET D 187 8.14 25.76 -21.77
N THR D 188 9.21 26.22 -21.13
CA THR D 188 10.47 25.51 -21.16
C THR D 188 10.57 24.49 -20.03
N LEU D 189 9.65 24.57 -19.08
CA LEU D 189 9.70 23.70 -17.90
C LEU D 189 9.41 22.21 -18.13
N PRO D 190 8.53 21.88 -19.09
CA PRO D 190 8.36 20.45 -19.41
C PRO D 190 9.66 19.77 -19.90
N LEU D 191 10.41 20.42 -20.79
CA LEU D 191 11.69 19.86 -21.22
C LEU D 191 12.62 19.65 -20.01
N LEU D 192 12.61 20.59 -19.08
CA LEU D 192 13.40 20.46 -17.86
C LEU D 192 12.92 19.28 -17.01
N ARG D 193 11.61 19.07 -16.93
CA ARG D 193 11.07 17.94 -16.18
C ARG D 193 11.39 16.61 -16.87
N GLN D 194 11.35 16.62 -18.21
CA GLN D 194 11.70 15.45 -19.01
C GLN D 194 13.11 14.98 -18.66
N THR D 195 14.01 15.94 -18.70
CA THR D 195 15.40 15.78 -18.42
C THR D 195 15.67 15.21 -17.00
N SER D 196 15.01 15.77 -15.98
CA SER D 196 15.20 15.29 -14.61
C SER D 196 14.52 13.92 -14.39
N THR D 197 13.41 13.69 -15.08
CA THR D 197 12.76 12.38 -15.04
C THR D 197 13.70 11.29 -15.55
N LYS D 198 14.36 11.55 -16.68
N LYS D 198 14.31 11.53 -16.72
CA LYS D 198 15.29 10.59 -17.27
CA LYS D 198 15.33 10.64 -17.26
C LYS D 198 16.60 10.47 -16.46
C LYS D 198 16.48 10.45 -16.30
N ALA D 199 17.06 11.57 -15.86
CA ALA D 199 18.23 11.54 -14.96
C ALA D 199 17.97 10.74 -13.67
N VAL D 200 16.83 11.01 -13.05
CA VAL D 200 16.36 10.26 -11.87
C VAL D 200 16.20 8.76 -12.12
N GLN D 201 15.56 8.39 -13.23
CA GLN D 201 15.43 6.97 -13.58
C GLN D 201 16.82 6.36 -13.77
N HIS D 202 17.74 7.11 -14.39
CA HIS D 202 19.11 6.63 -14.61
C HIS D 202 19.85 6.47 -13.29
N PHE D 203 19.67 7.47 -12.42
CA PHE D 203 20.13 7.45 -11.02
C PHE D 203 19.82 6.13 -10.30
N TYR D 204 18.59 5.62 -10.45
CA TYR D 204 18.24 4.35 -9.80
C TYR D 204 18.67 3.12 -10.57
N ASN D 205 18.71 3.22 -11.90
CA ASN D 205 19.15 2.10 -12.74
C ASN D 205 20.60 1.73 -12.44
N ILE D 206 21.47 2.74 -12.34
CA ILE D 206 22.90 2.48 -12.08
C ILE D 206 23.29 2.61 -10.61
N LYS D 207 22.30 2.75 -9.74
CA LYS D 207 22.47 2.59 -8.28
C LYS D 207 23.43 3.59 -7.60
N LEU D 208 23.22 4.87 -7.86
CA LEU D 208 24.09 5.93 -7.33
C LEU D 208 23.65 6.56 -6.01
N GLU D 209 22.54 6.08 -5.46
N GLU D 209 22.54 6.11 -5.43
CA GLU D 209 22.03 6.56 -4.17
CA GLU D 209 22.09 6.65 -4.13
C GLU D 209 22.97 6.22 -3.00
C GLU D 209 23.03 6.25 -3.00
N GLY D 210 23.55 5.03 -3.04
CA GLY D 210 24.46 4.56 -1.98
C GLY D 210 23.77 3.99 -0.74
N LYS D 211 24.56 3.74 0.29
CA LYS D 211 24.10 3.03 1.51
C LYS D 211 23.11 3.86 2.36
N VAL D 212 23.37 5.16 2.47
CA VAL D 212 22.52 6.05 3.26
C VAL D 212 21.49 6.73 2.38
N PRO D 213 20.20 6.60 2.74
CA PRO D 213 19.13 7.33 2.06
C PRO D 213 19.34 8.84 2.10
N MET D 214 18.99 9.52 1.02
CA MET D 214 19.13 10.97 0.95
C MET D 214 18.14 11.65 1.86
N HIS D 215 17.02 10.97 2.06
CA HIS D 215 16.02 11.29 3.07
C HIS D 215 16.63 11.67 4.43
N LYS D 216 17.68 10.95 4.84
CA LYS D 216 18.36 11.22 6.13
C LYS D 216 19.21 12.48 6.12
N LEU D 217 19.82 12.78 4.98
CA LEU D 217 20.61 14.01 4.85
C LEU D 217 19.70 15.22 4.75
N PHE D 218 18.58 15.07 4.04
CA PHE D 218 17.57 16.11 3.97
C PHE D 218 16.99 16.43 5.34
N LEU D 219 16.71 15.39 6.12
CA LEU D 219 16.23 15.52 7.49
C LEU D 219 17.27 16.15 8.43
N GLU D 220 18.51 15.67 8.35
N GLU D 220 18.51 15.67 8.35
CA GLU D 220 19.61 16.24 9.17
CA GLU D 220 19.63 16.23 9.13
C GLU D 220 19.70 17.75 9.03
C GLU D 220 19.65 17.75 9.03
N MET D 221 19.55 18.25 7.80
CA MET D 221 19.63 19.68 7.57
C MET D 221 18.36 20.45 7.89
N LEU D 222 17.20 19.94 7.48
CA LEU D 222 15.96 20.68 7.71
C LEU D 222 15.48 20.66 9.17
N GLU D 223 15.64 19.55 9.89
CA GLU D 223 15.35 19.50 11.32
C GLU D 223 16.39 20.31 12.08
N ILE E 5 -6.45 -55.13 -29.37
CA ILE E 5 -6.02 -53.82 -29.94
C ILE E 5 -5.60 -52.83 -28.85
N VAL E 6 -6.48 -52.63 -27.89
CA VAL E 6 -6.18 -51.82 -26.71
C VAL E 6 -5.01 -52.45 -25.93
N SER E 7 -4.98 -53.78 -25.93
CA SER E 7 -3.91 -54.53 -25.27
C SER E 7 -2.56 -54.30 -25.94
N HIS E 8 -2.51 -54.47 -27.26
CA HIS E 8 -1.26 -54.36 -28.01
C HIS E 8 -0.84 -52.90 -28.19
N LEU E 9 -1.79 -51.98 -28.00
CA LEU E 9 -1.46 -50.57 -27.93
C LEU E 9 -0.64 -50.26 -26.69
N LEU E 10 -1.05 -50.82 -25.54
CA LEU E 10 -0.33 -50.60 -24.29
C LEU E 10 1.10 -51.15 -24.34
N VAL E 11 1.29 -52.29 -24.99
CA VAL E 11 2.63 -52.83 -25.23
C VAL E 11 3.38 -52.05 -26.31
N ALA E 12 2.64 -51.47 -27.27
CA ALA E 12 3.23 -50.66 -28.32
C ALA E 12 3.60 -49.25 -27.83
N GLU E 13 3.03 -48.86 -26.68
CA GLU E 13 3.29 -47.55 -26.10
C GLU E 13 4.79 -47.33 -25.89
N PRO E 14 5.34 -46.23 -26.44
CA PRO E 14 6.78 -45.99 -26.39
C PRO E 14 7.30 -45.67 -24.98
N GLU E 15 8.62 -45.77 -24.84
N GLU E 15 8.61 -45.77 -24.81
CA GLU E 15 9.28 -45.49 -23.56
CA GLU E 15 9.23 -45.52 -23.51
C GLU E 15 9.33 -43.98 -23.29
C GLU E 15 9.38 -44.01 -23.30
N LYS E 16 9.56 -43.62 -22.04
CA LYS E 16 9.78 -42.23 -21.66
C LYS E 16 10.98 -41.63 -22.39
N ILE E 17 10.83 -40.39 -22.83
CA ILE E 17 11.94 -39.68 -23.44
C ILE E 17 12.23 -38.41 -22.65
N TYR E 18 13.51 -38.07 -22.54
CA TYR E 18 13.96 -36.97 -21.71
C TYR E 18 14.42 -35.78 -22.55
N ALA E 19 14.01 -34.59 -22.11
CA ALA E 19 14.29 -33.34 -22.79
C ALA E 19 15.72 -32.90 -22.60
N MET E 20 16.27 -33.20 -21.42
CA MET E 20 17.65 -32.91 -21.10
C MET E 20 18.04 -31.46 -21.40
N PRO E 21 17.35 -30.50 -20.74
CA PRO E 21 17.70 -29.08 -20.94
C PRO E 21 19.06 -28.75 -20.36
N ASP E 22 19.87 -28.00 -21.11
CA ASP E 22 21.23 -27.64 -20.67
C ASP E 22 21.18 -26.62 -19.55
N PRO E 23 21.63 -27.01 -18.34
CA PRO E 23 21.56 -26.06 -17.23
C PRO E 23 22.61 -24.94 -17.30
N THR E 24 23.65 -25.09 -18.13
CA THR E 24 24.62 -24.01 -18.33
C THR E 24 24.04 -22.83 -19.11
N VAL E 25 23.10 -23.11 -20.00
CA VAL E 25 22.46 -22.08 -20.81
C VAL E 25 21.38 -21.36 -20.00
N PRO E 26 21.51 -20.03 -19.81
CA PRO E 26 20.43 -19.26 -19.17
C PRO E 26 19.09 -19.40 -19.90
N ASP E 27 18.01 -19.35 -19.12
CA ASP E 27 16.67 -19.52 -19.67
C ASP E 27 16.31 -18.37 -20.60
N SER E 28 15.66 -18.72 -21.70
CA SER E 28 15.30 -17.79 -22.75
C SER E 28 14.39 -18.53 -23.72
N ASP E 29 13.68 -17.79 -24.56
CA ASP E 29 12.84 -18.41 -25.60
C ASP E 29 13.63 -19.37 -26.50
N ILE E 30 14.90 -19.04 -26.77
CA ILE E 30 15.74 -19.82 -27.67
C ILE E 30 15.99 -21.21 -27.10
N LYS E 31 16.56 -21.23 -25.89
CA LYS E 31 16.83 -22.46 -25.13
C LYS E 31 15.62 -23.39 -25.07
N ALA E 32 14.46 -22.83 -24.75
CA ALA E 32 13.21 -23.59 -24.75
C ALA E 32 12.94 -24.25 -26.11
N LEU E 33 13.13 -23.50 -27.19
CA LEU E 33 12.90 -24.00 -28.55
C LEU E 33 13.94 -25.01 -28.97
N THR E 34 15.20 -24.78 -28.59
CA THR E 34 16.24 -25.78 -28.76
C THR E 34 15.89 -27.06 -27.99
N THR E 35 15.50 -26.90 -26.72
CA THR E 35 15.10 -28.01 -25.88
C THR E 35 13.93 -28.77 -26.53
N LEU E 36 12.89 -28.06 -26.94
CA LEU E 36 11.70 -28.69 -27.52
C LEU E 36 11.93 -29.34 -28.91
N CYS E 37 12.79 -28.71 -29.71
CA CYS E 37 13.19 -29.26 -31.02
C CYS E 37 13.91 -30.60 -30.91
N ASP E 38 14.90 -30.67 -30.02
N ASP E 38 14.90 -30.68 -30.02
CA ASP E 38 15.68 -31.87 -29.78
CA ASP E 38 15.65 -31.93 -29.85
C ASP E 38 14.84 -32.98 -29.14
C ASP E 38 14.80 -33.00 -29.17
N LEU E 39 13.87 -32.58 -28.32
CA LEU E 39 12.97 -33.53 -27.67
C LEU E 39 12.07 -34.15 -28.74
N ALA E 40 11.38 -33.31 -29.49
CA ALA E 40 10.47 -33.76 -30.54
C ALA E 40 11.12 -34.72 -31.54
N ASP E 41 12.35 -34.42 -31.92
CA ASP E 41 13.10 -35.29 -32.84
C ASP E 41 13.25 -36.71 -32.30
N ARG E 42 13.60 -36.83 -31.03
CA ARG E 42 13.78 -38.15 -30.41
C ARG E 42 12.45 -38.86 -30.16
N GLU E 43 11.40 -38.08 -29.86
CA GLU E 43 10.04 -38.60 -29.76
C GLU E 43 9.53 -39.15 -31.08
N LEU E 44 9.80 -38.44 -32.17
CA LEU E 44 9.27 -38.84 -33.48
C LEU E 44 9.76 -40.21 -33.93
N VAL E 45 10.99 -40.56 -33.53
CA VAL E 45 11.55 -41.89 -33.82
C VAL E 45 10.73 -43.02 -33.21
N VAL E 46 10.44 -42.93 -31.91
CA VAL E 46 9.64 -43.96 -31.25
C VAL E 46 8.16 -43.89 -31.68
N ILE E 47 7.67 -42.67 -31.98
CA ILE E 47 6.31 -42.49 -32.49
C ILE E 47 6.11 -43.28 -33.75
N ILE E 48 7.11 -43.27 -34.61
CA ILE E 48 7.06 -44.00 -35.87
C ILE E 48 7.18 -45.49 -35.64
N GLY E 49 8.06 -45.89 -34.72
CA GLY E 49 8.10 -47.28 -34.26
C GLY E 49 6.76 -47.73 -33.70
N TRP E 50 6.13 -46.83 -32.94
CA TRP E 50 4.80 -47.05 -32.37
C TRP E 50 3.75 -47.32 -33.46
N ALA E 51 3.77 -46.49 -34.52
CA ALA E 51 2.81 -46.61 -35.63
C ALA E 51 2.92 -47.97 -36.32
N LYS E 52 4.15 -48.44 -36.48
CA LYS E 52 4.41 -49.76 -37.04
C LYS E 52 3.64 -50.84 -36.29
N HIS E 53 3.51 -50.68 -34.96
CA HIS E 53 2.82 -51.67 -34.11
C HIS E 53 1.27 -51.57 -34.12
N ILE E 54 0.72 -50.73 -35.01
CA ILE E 54 -0.73 -50.54 -35.15
C ILE E 54 -1.25 -51.40 -36.31
N PRO E 55 -2.41 -52.06 -36.13
CA PRO E 55 -3.04 -52.99 -37.08
C PRO E 55 -2.81 -52.74 -38.58
N GLY E 56 -3.83 -52.26 -39.30
CA GLY E 56 -3.70 -51.96 -40.72
C GLY E 56 -2.47 -51.16 -41.11
N PHE E 57 -2.00 -50.29 -40.21
CA PHE E 57 -0.93 -49.34 -40.54
C PHE E 57 0.22 -49.95 -41.35
N SER E 58 0.76 -51.04 -40.85
CA SER E 58 1.92 -51.68 -41.50
C SER E 58 1.57 -52.29 -42.86
N THR E 59 0.30 -52.71 -43.02
CA THR E 59 -0.15 -53.32 -44.28
C THR E 59 -0.51 -52.28 -45.34
N LEU E 60 -0.66 -51.02 -44.91
CA LEU E 60 -0.93 -49.91 -45.83
C LEU E 60 0.25 -49.61 -46.73
N SER E 61 -0.03 -48.89 -47.82
CA SER E 61 1.01 -48.37 -48.71
C SER E 61 2.02 -47.56 -47.90
N LEU E 62 3.21 -47.39 -48.47
CA LEU E 62 4.23 -46.56 -47.82
C LEU E 62 3.78 -45.09 -47.85
N ALA E 63 3.11 -44.69 -48.93
CA ALA E 63 2.61 -43.32 -49.08
C ALA E 63 1.48 -43.00 -48.11
N ASP E 64 0.57 -43.96 -47.91
CA ASP E 64 -0.53 -43.79 -46.96
C ASP E 64 -0.01 -43.76 -45.53
N GLN E 65 0.96 -44.61 -45.22
CA GLN E 65 1.63 -44.56 -43.92
C GLN E 65 2.28 -43.20 -43.70
N MET E 66 3.00 -42.73 -44.71
CA MET E 66 3.75 -41.49 -44.67
C MET E 66 2.82 -40.28 -44.58
N SER E 67 1.70 -40.35 -45.30
CA SER E 67 0.72 -39.25 -45.33
C SER E 67 0.01 -39.08 -43.99
N LEU E 68 -0.38 -40.19 -43.39
CA LEU E 68 -1.01 -40.18 -42.06
C LEU E 68 -0.10 -39.56 -41.00
N LEU E 69 1.14 -40.02 -40.95
CA LEU E 69 2.13 -39.50 -40.01
C LEU E 69 2.40 -38.01 -40.20
N GLN E 70 2.46 -37.57 -41.45
CA GLN E 70 2.65 -36.17 -41.82
C GLN E 70 1.51 -35.29 -41.32
N SER E 71 0.28 -35.81 -41.44
CA SER E 71 -0.93 -35.12 -40.97
C SER E 71 -1.12 -35.16 -39.45
N ALA E 72 -0.59 -36.19 -38.81
CA ALA E 72 -0.93 -36.48 -37.43
C ALA E 72 0.19 -36.22 -36.41
N TRP E 73 1.43 -36.04 -36.85
CA TRP E 73 2.56 -36.08 -35.91
C TRP E 73 2.52 -35.07 -34.76
N MET E 74 2.10 -33.83 -35.04
CA MET E 74 1.97 -32.81 -33.99
C MET E 74 0.83 -33.12 -33.00
N GLU E 75 -0.28 -33.67 -33.50
CA GLU E 75 -1.38 -34.12 -32.64
C GLU E 75 -0.95 -35.19 -31.66
N ILE E 76 -0.06 -36.08 -32.10
CA ILE E 76 0.40 -37.18 -31.27
C ILE E 76 1.34 -36.67 -30.17
N LEU E 77 2.28 -35.81 -30.54
CA LEU E 77 3.17 -35.16 -29.59
C LEU E 77 2.37 -34.42 -28.53
N ILE E 78 1.38 -33.66 -28.99
CA ILE E 78 0.60 -32.82 -28.11
C ILE E 78 -0.25 -33.65 -27.18
N LEU E 79 -0.92 -34.64 -27.72
CA LEU E 79 -1.75 -35.53 -26.92
C LEU E 79 -0.92 -36.19 -25.82
N GLY E 80 0.33 -36.52 -26.14
CA GLY E 80 1.26 -37.10 -25.16
C GLY E 80 1.54 -36.18 -24.00
N VAL E 81 1.87 -34.92 -24.30
CA VAL E 81 2.11 -33.90 -23.30
C VAL E 81 0.87 -33.73 -22.41
N VAL E 82 -0.29 -33.71 -23.05
CA VAL E 82 -1.57 -33.61 -22.37
C VAL E 82 -1.80 -34.74 -21.37
N TYR E 83 -1.39 -35.95 -21.75
CA TYR E 83 -1.59 -37.10 -20.86
C TYR E 83 -0.63 -37.06 -19.69
N ARG E 84 0.61 -36.64 -19.94
CA ARG E 84 1.63 -36.53 -18.90
C ARG E 84 1.30 -35.42 -17.92
N SER E 85 0.50 -34.46 -18.40
CA SER E 85 0.13 -33.28 -17.61
C SER E 85 -1.09 -33.48 -16.68
N LEU E 86 -1.71 -34.65 -16.72
CA LEU E 86 -2.99 -34.88 -16.02
C LEU E 86 -2.95 -34.87 -14.48
N SER E 87 -1.78 -35.04 -13.85
CA SER E 87 -1.69 -34.95 -12.39
C SER E 87 -0.95 -33.68 -11.94
N PHE E 88 -0.95 -32.67 -12.81
CA PHE E 88 -0.32 -31.38 -12.54
C PHE E 88 -1.36 -30.30 -12.66
N GLU E 89 -1.03 -29.11 -12.14
CA GLU E 89 -1.95 -27.96 -12.14
C GLU E 89 -1.35 -26.79 -12.91
N ASP E 90 -2.00 -26.39 -14.00
CA ASP E 90 -1.60 -25.22 -14.79
C ASP E 90 -0.18 -25.34 -15.32
N GLU E 91 0.24 -26.56 -15.61
CA GLU E 91 1.59 -26.85 -16.05
C GLU E 91 1.52 -27.94 -17.11
N LEU E 92 2.47 -27.92 -18.04
CA LEU E 92 2.55 -28.92 -19.09
C LEU E 92 3.83 -29.73 -18.94
N VAL E 93 3.71 -31.05 -19.03
CA VAL E 93 4.84 -31.94 -18.83
C VAL E 93 5.32 -32.49 -20.18
N TYR E 94 6.26 -31.78 -20.82
CA TYR E 94 6.90 -32.28 -22.05
C TYR E 94 7.72 -33.53 -21.78
N ALA E 95 8.31 -33.59 -20.61
CA ALA E 95 9.00 -34.77 -20.12
C ALA E 95 9.13 -34.74 -18.59
N ASP E 96 9.50 -35.88 -18.00
CA ASP E 96 9.77 -35.97 -16.57
C ASP E 96 10.72 -34.88 -16.08
N ASP E 97 11.61 -34.45 -16.97
CA ASP E 97 12.62 -33.44 -16.68
C ASP E 97 12.39 -32.08 -17.37
N TYR E 98 11.19 -31.84 -17.91
CA TYR E 98 10.88 -30.53 -18.50
C TYR E 98 9.39 -30.20 -18.35
N ILE E 99 9.10 -29.38 -17.35
CA ILE E 99 7.74 -28.94 -17.08
C ILE E 99 7.65 -27.43 -17.25
N MET E 100 6.58 -26.98 -17.92
CA MET E 100 6.38 -25.57 -18.25
C MET E 100 5.11 -25.04 -17.59
N ASP E 101 5.26 -23.96 -16.81
CA ASP E 101 4.11 -23.29 -16.17
C ASP E 101 3.71 -22.06 -16.98
N GLU E 102 2.69 -21.35 -16.52
CA GLU E 102 2.20 -20.15 -17.23
C GLU E 102 3.35 -19.23 -17.60
N ASP E 103 4.19 -18.92 -16.60
CA ASP E 103 5.30 -17.98 -16.75
C ASP E 103 6.36 -18.45 -17.75
N GLN E 104 6.62 -19.76 -17.78
CA GLN E 104 7.60 -20.33 -18.72
C GLN E 104 7.03 -20.43 -20.14
N SER E 105 5.73 -20.68 -20.25
CA SER E 105 5.04 -20.69 -21.54
C SER E 105 5.06 -19.28 -22.14
N LYS E 106 4.84 -18.26 -21.30
CA LYS E 106 4.97 -16.86 -21.70
C LYS E 106 6.35 -16.55 -22.28
N LEU E 107 7.39 -16.93 -21.54
CA LEU E 107 8.78 -16.67 -21.96
C LEU E 107 9.14 -17.34 -23.28
N ALA E 108 8.53 -18.48 -23.55
CA ALA E 108 8.74 -19.23 -24.78
C ALA E 108 7.87 -18.74 -25.95
N GLY E 109 6.95 -17.80 -25.67
CA GLY E 109 5.98 -17.33 -26.66
C GLY E 109 4.91 -18.37 -27.01
N LEU E 110 4.61 -19.26 -26.07
CA LEU E 110 3.70 -20.38 -26.30
C LEU E 110 2.48 -20.34 -25.38
N LEU E 111 2.18 -19.17 -24.82
CA LEU E 111 1.10 -19.01 -23.86
C LEU E 111 -0.25 -19.41 -24.42
N ASP E 112 -0.63 -18.81 -25.55
CA ASP E 112 -1.91 -19.09 -26.18
C ASP E 112 -2.01 -20.54 -26.61
N LEU E 113 -0.97 -21.03 -27.27
CA LEU E 113 -0.88 -22.43 -27.58
C LEU E 113 -1.02 -23.33 -26.35
N ASN E 114 -0.30 -23.01 -25.28
CA ASN E 114 -0.31 -23.88 -24.08
C ASN E 114 -1.58 -23.76 -23.21
N ASN E 115 -2.19 -22.57 -23.20
CA ASN E 115 -3.54 -22.42 -22.63
C ASN E 115 -4.57 -23.33 -23.31
N ALA E 116 -4.47 -23.42 -24.63
CA ALA E 116 -5.36 -24.27 -25.42
C ALA E 116 -5.06 -25.73 -25.14
N ILE E 117 -3.78 -26.09 -25.05
CA ILE E 117 -3.40 -27.46 -24.68
C ILE E 117 -3.90 -27.80 -23.28
N LEU E 118 -3.90 -26.82 -22.37
CA LEU E 118 -4.37 -27.04 -21.00
C LEU E 118 -5.88 -27.19 -20.91
N GLN E 119 -6.61 -26.61 -21.86
CA GLN E 119 -8.06 -26.81 -21.96
C GLN E 119 -8.39 -28.29 -22.16
N LEU E 120 -7.55 -28.92 -22.96
CA LEU E 120 -7.68 -30.33 -23.31
C LEU E 120 -7.38 -31.21 -22.10
N VAL E 121 -6.44 -30.76 -21.27
CA VAL E 121 -6.13 -31.39 -20.00
C VAL E 121 -7.35 -31.28 -19.08
N LYS E 122 -7.79 -30.06 -18.80
CA LYS E 122 -9.02 -29.82 -18.03
C LYS E 122 -10.09 -30.83 -18.43
N LYS E 123 -10.39 -30.88 -19.72
CA LYS E 123 -11.47 -31.73 -20.24
C LYS E 123 -11.27 -33.19 -19.83
N TYR E 124 -10.07 -33.72 -20.08
CA TYR E 124 -9.78 -35.12 -19.78
C TYR E 124 -9.80 -35.44 -18.29
N LYS E 125 -9.31 -34.53 -17.45
CA LYS E 125 -9.40 -34.69 -16.00
C LYS E 125 -10.83 -34.99 -15.55
N SER E 126 -11.76 -34.15 -15.98
CA SER E 126 -13.18 -34.28 -15.64
C SER E 126 -13.80 -35.59 -16.11
N MET E 127 -13.21 -36.18 -17.16
CA MET E 127 -13.65 -37.49 -17.68
C MET E 127 -12.84 -38.65 -17.07
N LYS E 128 -11.82 -38.33 -16.28
CA LYS E 128 -10.91 -39.30 -15.68
C LYS E 128 -10.34 -40.22 -16.76
N LEU E 129 -9.48 -39.67 -17.62
CA LEU E 129 -9.03 -40.40 -18.79
C LEU E 129 -8.14 -41.59 -18.44
N GLU E 130 -8.50 -42.75 -18.98
CA GLU E 130 -7.77 -43.99 -18.72
C GLU E 130 -6.69 -44.17 -19.80
N LYS E 131 -5.57 -44.77 -19.41
CA LYS E 131 -4.46 -44.99 -20.33
C LYS E 131 -4.92 -45.78 -21.55
N GLU E 132 -5.85 -46.70 -21.34
CA GLU E 132 -6.43 -47.49 -22.41
C GLU E 132 -7.19 -46.60 -23.41
N GLU E 133 -7.90 -45.61 -22.88
CA GLU E 133 -8.62 -44.64 -23.70
C GLU E 133 -7.64 -43.70 -24.41
N PHE E 134 -6.57 -43.34 -23.71
CA PHE E 134 -5.52 -42.46 -24.25
C PHE E 134 -4.82 -43.09 -25.46
N VAL E 135 -4.32 -44.31 -25.29
CA VAL E 135 -3.59 -44.97 -26.37
C VAL E 135 -4.46 -45.17 -27.62
N THR E 136 -5.75 -45.44 -27.40
CA THR E 136 -6.69 -45.67 -28.49
C THR E 136 -7.04 -44.37 -29.21
N LEU E 137 -7.25 -43.29 -28.44
CA LEU E 137 -7.43 -41.96 -29.05
C LEU E 137 -6.20 -41.57 -29.89
N LYS E 138 -5.00 -41.84 -29.36
CA LYS E 138 -3.75 -41.61 -30.12
C LYS E 138 -3.75 -42.31 -31.48
N ALA E 139 -4.19 -43.57 -31.48
CA ALA E 139 -4.29 -44.34 -32.72
C ALA E 139 -5.35 -43.73 -33.63
N ILE E 140 -6.48 -43.34 -33.03
CA ILE E 140 -7.58 -42.74 -33.78
C ILE E 140 -7.15 -41.42 -34.39
N ALA E 141 -6.41 -40.61 -33.62
CA ALA E 141 -5.89 -39.34 -34.12
C ALA E 141 -5.00 -39.53 -35.34
N LEU E 142 -4.22 -40.60 -35.34
CA LEU E 142 -3.38 -40.93 -36.48
C LEU E 142 -4.21 -41.30 -37.70
N ALA E 143 -5.15 -42.24 -37.50
CA ALA E 143 -5.97 -42.75 -38.61
C ALA E 143 -6.99 -41.72 -39.09
N ASN E 144 -7.42 -40.84 -38.20
CA ASN E 144 -8.45 -39.83 -38.50
C ASN E 144 -7.81 -38.47 -38.75
N SER E 145 -6.61 -38.48 -39.32
CA SER E 145 -5.79 -37.26 -39.46
C SER E 145 -6.20 -36.38 -40.66
N ASP E 146 -7.09 -36.90 -41.50
CA ASP E 146 -7.69 -36.17 -42.62
C ASP E 146 -6.67 -35.70 -43.64
N SER E 147 -5.72 -36.59 -43.95
CA SER E 147 -4.70 -36.32 -44.95
C SER E 147 -5.36 -36.07 -46.30
N MET E 148 -4.84 -35.09 -47.05
CA MET E 148 -5.44 -34.70 -48.31
C MET E 148 -4.97 -35.55 -49.50
N HIS E 149 -4.13 -36.56 -49.24
CA HIS E 149 -3.63 -37.43 -50.32
C HIS E 149 -3.46 -38.89 -49.87
N ILE E 150 -4.57 -39.63 -49.90
CA ILE E 150 -4.58 -41.05 -49.54
C ILE E 150 -4.81 -41.89 -50.80
N GLU E 151 -4.10 -43.01 -50.91
CA GLU E 151 -4.22 -43.91 -52.05
C GLU E 151 -5.39 -44.88 -51.86
N ASP E 152 -5.36 -45.63 -50.75
CA ASP E 152 -6.46 -46.55 -50.43
C ASP E 152 -7.37 -45.92 -49.39
N VAL E 153 -8.30 -45.11 -49.87
CA VAL E 153 -9.23 -44.35 -49.04
C VAL E 153 -10.04 -45.25 -48.10
N GLU E 154 -10.57 -46.34 -48.65
CA GLU E 154 -11.40 -47.28 -47.89
C GLU E 154 -10.61 -48.02 -46.81
N ALA E 155 -9.38 -48.42 -47.12
CA ALA E 155 -8.50 -49.09 -46.15
C ALA E 155 -8.17 -48.19 -44.95
N VAL E 156 -8.04 -46.89 -45.20
CA VAL E 156 -7.85 -45.92 -44.13
C VAL E 156 -9.16 -45.75 -43.36
N GLN E 157 -10.26 -45.56 -44.10
CA GLN E 157 -11.59 -45.49 -43.50
C GLN E 157 -11.85 -46.74 -42.65
N LYS E 158 -11.39 -47.90 -43.14
CA LYS E 158 -11.52 -49.15 -42.41
C LYS E 158 -10.65 -49.17 -41.15
N LEU E 159 -9.40 -48.71 -41.28
CA LEU E 159 -8.50 -48.56 -40.13
C LEU E 159 -9.14 -47.73 -39.02
N GLN E 160 -9.76 -46.62 -39.39
CA GLN E 160 -10.55 -45.81 -38.45
C GLN E 160 -11.63 -46.67 -37.78
N ASP E 161 -12.37 -47.43 -38.59
CA ASP E 161 -13.45 -48.30 -38.11
C ASP E 161 -12.97 -49.35 -37.11
N VAL E 162 -11.73 -49.82 -37.30
CA VAL E 162 -11.11 -50.80 -36.41
C VAL E 162 -10.87 -50.20 -35.02
N LEU E 163 -10.31 -49.01 -35.00
CA LEU E 163 -9.94 -48.36 -33.75
C LEU E 163 -11.17 -47.76 -33.10
N HIS E 164 -12.09 -47.28 -33.94
CA HIS E 164 -13.42 -46.88 -33.50
C HIS E 164 -14.10 -48.02 -32.72
N GLU E 165 -14.20 -49.20 -33.33
CA GLU E 165 -14.78 -50.38 -32.66
C GLU E 165 -14.07 -50.69 -31.34
N ALA E 166 -12.74 -50.64 -31.36
CA ALA E 166 -11.93 -50.86 -30.16
C ALA E 166 -12.27 -49.92 -29.02
N LEU E 167 -12.75 -48.72 -29.36
CA LEU E 167 -13.09 -47.70 -28.36
C LEU E 167 -14.46 -47.92 -27.72
N GLN E 168 -15.48 -48.19 -28.53
CA GLN E 168 -16.81 -48.44 -28.03
C GLN E 168 -16.85 -49.81 -27.33
N ASP E 169 -16.19 -50.82 -27.95
CA ASP E 169 -16.08 -52.15 -27.34
C ASP E 169 -15.24 -52.15 -26.07
N TYR E 170 -14.41 -51.13 -25.88
CA TYR E 170 -13.75 -50.94 -24.60
C TYR E 170 -14.76 -50.44 -23.57
N GLU E 171 -15.36 -49.29 -23.85
CA GLU E 171 -16.40 -48.73 -22.98
C GLU E 171 -17.68 -49.55 -23.03
N GLU E 177 -22.53 -48.15 -17.72
CA GLU E 177 -22.46 -47.13 -16.69
C GLU E 177 -22.72 -45.76 -17.32
N ASP E 178 -22.24 -45.60 -18.56
CA ASP E 178 -22.18 -44.32 -19.24
C ASP E 178 -22.08 -44.61 -20.74
N PRO E 179 -23.20 -44.99 -21.37
CA PRO E 179 -23.15 -45.52 -22.74
C PRO E 179 -22.40 -44.65 -23.76
N ARG E 180 -22.92 -43.46 -24.04
CA ARG E 180 -22.34 -42.56 -25.06
C ARG E 180 -20.85 -42.23 -24.88
N ARG E 181 -20.36 -42.26 -23.64
CA ARG E 181 -18.95 -41.99 -23.27
C ARG E 181 -17.94 -41.91 -24.41
N ALA E 182 -17.87 -42.97 -25.21
CA ALA E 182 -16.93 -43.03 -26.32
C ALA E 182 -17.19 -41.90 -27.32
N GLY E 183 -18.42 -41.41 -27.37
CA GLY E 183 -18.75 -40.21 -28.11
C GLY E 183 -18.15 -38.96 -27.49
N LYS E 184 -18.27 -38.82 -26.17
CA LYS E 184 -17.62 -37.70 -25.47
C LYS E 184 -16.13 -37.64 -25.79
N MET E 185 -15.49 -38.82 -25.86
CA MET E 185 -14.08 -38.97 -26.19
C MET E 185 -13.81 -38.47 -27.60
N LEU E 186 -14.64 -38.89 -28.54
CA LEU E 186 -14.50 -38.46 -29.93
C LEU E 186 -14.67 -36.94 -30.02
N MET E 187 -15.54 -36.40 -29.16
CA MET E 187 -15.80 -34.96 -29.10
C MET E 187 -14.71 -34.16 -28.37
N THR E 188 -13.60 -34.82 -28.01
CA THR E 188 -12.40 -34.14 -27.55
C THR E 188 -11.40 -33.95 -28.68
N LEU E 189 -11.60 -34.68 -29.77
CA LEU E 189 -10.66 -34.67 -30.89
C LEU E 189 -10.59 -33.39 -31.72
N PRO E 190 -11.72 -32.65 -31.85
CA PRO E 190 -11.69 -31.33 -32.47
C PRO E 190 -10.72 -30.33 -31.82
N LEU E 191 -10.68 -30.29 -30.49
CA LEU E 191 -9.77 -29.39 -29.79
C LEU E 191 -8.31 -29.80 -29.96
N LEU E 192 -8.06 -31.10 -30.14
CA LEU E 192 -6.71 -31.60 -30.37
C LEU E 192 -6.23 -31.21 -31.77
N ARG E 193 -7.15 -31.25 -32.72
CA ARG E 193 -6.88 -30.77 -34.08
C ARG E 193 -6.63 -29.27 -34.08
N GLN E 194 -7.50 -28.52 -33.40
CA GLN E 194 -7.37 -27.07 -33.26
C GLN E 194 -5.98 -26.69 -32.74
N THR E 195 -5.60 -27.32 -31.64
CA THR E 195 -4.32 -27.04 -30.98
C THR E 195 -3.12 -27.38 -31.88
N SER E 196 -3.20 -28.50 -32.60
CA SER E 196 -2.15 -28.95 -33.51
C SER E 196 -2.05 -28.07 -34.76
N THR E 197 -3.20 -27.70 -35.31
CA THR E 197 -3.24 -26.76 -36.43
C THR E 197 -2.46 -25.49 -36.07
N LYS E 198 -2.75 -24.90 -34.90
CA LYS E 198 -2.06 -23.66 -34.49
C LYS E 198 -0.57 -23.89 -34.30
N ALA E 199 -0.24 -25.02 -33.64
CA ALA E 199 1.14 -25.42 -33.39
C ALA E 199 1.97 -25.57 -34.67
N VAL E 200 1.44 -26.34 -35.63
CA VAL E 200 2.12 -26.58 -36.91
C VAL E 200 2.31 -25.28 -37.72
N GLN E 201 1.36 -24.35 -37.59
CA GLN E 201 1.49 -23.04 -38.21
C GLN E 201 2.66 -22.28 -37.58
N HIS E 202 2.74 -22.33 -36.25
CA HIS E 202 3.82 -21.68 -35.49
C HIS E 202 5.17 -22.32 -35.85
N PHE E 203 5.18 -23.65 -35.94
CA PHE E 203 6.34 -24.44 -36.39
C PHE E 203 6.96 -23.92 -37.71
N TYR E 204 6.11 -23.58 -38.68
CA TYR E 204 6.57 -23.07 -39.98
C TYR E 204 6.84 -21.57 -39.96
N ASN E 205 6.08 -20.82 -39.15
CA ASN E 205 6.30 -19.39 -39.03
C ASN E 205 7.70 -19.03 -38.54
N ILE E 206 8.26 -19.88 -37.67
CA ILE E 206 9.60 -19.66 -37.11
C ILE E 206 10.62 -20.69 -37.62
N LYS E 207 10.28 -21.34 -38.73
CA LYS E 207 11.23 -22.17 -39.50
C LYS E 207 11.93 -23.22 -38.63
N LEU E 208 11.12 -24.01 -37.92
CA LEU E 208 11.66 -25.05 -37.03
C LEU E 208 11.93 -26.37 -37.74
N GLU E 209 11.54 -26.49 -39.02
CA GLU E 209 11.69 -27.76 -39.75
C GLU E 209 13.15 -28.10 -40.07
N GLY E 210 13.96 -27.09 -40.30
CA GLY E 210 15.37 -27.32 -40.58
C GLY E 210 15.64 -27.69 -42.03
N LYS E 211 16.80 -28.29 -42.27
CA LYS E 211 17.31 -28.51 -43.62
C LYS E 211 16.54 -29.56 -44.43
N VAL E 212 15.94 -30.53 -43.76
CA VAL E 212 15.32 -31.66 -44.43
C VAL E 212 13.81 -31.76 -44.10
N PRO E 213 12.95 -31.84 -45.13
CA PRO E 213 11.50 -31.94 -44.93
C PRO E 213 11.07 -33.12 -44.09
N MET E 214 9.94 -32.99 -43.40
CA MET E 214 9.43 -34.06 -42.54
C MET E 214 9.16 -35.37 -43.30
N HIS E 215 8.64 -35.29 -44.52
CA HIS E 215 8.31 -36.49 -45.30
C HIS E 215 9.52 -37.37 -45.58
N LYS E 216 10.69 -36.76 -45.76
CA LYS E 216 11.93 -37.50 -46.02
C LYS E 216 12.42 -38.17 -44.72
N LEU E 217 12.24 -37.46 -43.61
CA LEU E 217 12.58 -37.99 -42.29
C LEU E 217 11.70 -39.20 -41.95
N PHE E 218 10.40 -39.08 -42.20
CA PHE E 218 9.45 -40.19 -41.97
C PHE E 218 9.74 -41.40 -42.84
N LEU E 219 9.98 -41.19 -44.13
CA LEU E 219 10.38 -42.27 -45.02
C LEU E 219 11.60 -42.99 -44.47
N GLU E 220 12.64 -42.23 -44.15
CA GLU E 220 13.90 -42.78 -43.65
C GLU E 220 13.64 -43.66 -42.41
N MET E 221 12.92 -43.09 -41.44
CA MET E 221 12.58 -43.82 -40.21
C MET E 221 11.71 -45.04 -40.49
N LEU E 222 10.65 -44.86 -41.29
CA LEU E 222 9.77 -45.97 -41.69
C LEU E 222 10.56 -47.14 -42.27
N GLU E 223 11.66 -46.84 -42.96
CA GLU E 223 12.54 -47.88 -43.51
C GLU E 223 13.39 -48.51 -42.40
#